data_7RPK
#
_entry.id   7RPK
#
loop_
_entity.id
_entity.type
_entity.pdbx_description
1 polymer 'Protein dispatched homolog 1'
2 polymer 'Sonic hedgehog protein'
3 non-polymer 'CHOLESTEROL HEMISUCCINATE'
4 non-polymer 'Lauryl Maltose Neopentyl Glycol'
5 non-polymer 'SODIUM ION'
6 non-polymer '(2S)-3-{[(S)-(2-aminoethoxy)(hydroxy)phosphoryl]oxy}-2-(hexanoyloxy)propyl hexanoate'
7 non-polymer 2-acetamido-2-deoxy-beta-D-glucopyranose
8 non-polymer 'CALCIUM ION'
9 non-polymer 'ZINC ION'
10 non-polymer 'SULFATE ION'
11 water water
#
loop_
_entity_poly.entity_id
_entity_poly.type
_entity_poly.pdbx_seq_one_letter_code
_entity_poly.pdbx_strand_id
1 'polypeptide(L)'
;MARPFKFPRSYAALLADWPVVVLGMCTLLIVVCALVGVLVPELPDFSDPLLGFEPRGTTIGQRLVTWNNMMRNTGYKATL
ANYPYKYAEEQARSHRDDRWSDDHHERERREVDWNFQKDSFFCDVPSDGYSRVVFASAGGETLWNLPAIKSMCDVDNSRI
RSHPQFSDLCQRTTAVSCCPSWTLGNYIAILNNRSSCQKIVERDVSHTLKLLRTCAKHYQNGTLGPDCWDKAARRKDQLK
CTNVPRKCTKYNAVYQILHYLVDKDFMTPKTADYAVPALKYSMLFSPTEKGESMMNIYLDNFENWNSSDGITTVTGIEFG
IKHSLFQDYLLMDTVYPAIAIAIVLLIMCVYTKSMFITLMTMFAIISSLIVSYFLYRVVFNFEFFPFMNLTALIILVGIG
ADDAFVLCDVWNYTKFDKPRAETSEAVSVTLQHAALSMFVTSFTTAAAFYANYVSNITAIRCFGVYAGTAILVNYVLMVT
WLPAVIVLHERYLLNIFTCFRKPQPQAYDKSCWAVLCQKCRRVLFAVSEASRIFFEKVLPCIVIKFRYLWLIWFLALTVG
GAYIVCVNPKMKLPSLELSEFQVFRSSHPFERYDAEFKKLFMFERVHHGEELHMPITVIWGVSPEDSGDPLNPKSKGELT
LDSTFNIASPASQAWILHFCQKLRNQTFFHQTEQQDFTSCFIETFKQWMENQDCDEPALYPCCSHCSFPYKQEVFELCIK
KAIMELDRSTGYHLNNKTPGPRFDINDTIRAVVLEFQSTFLFTLAYEKMQQFYKEVDSWISHELSSAPEGLSRGWFVSNL
EFYDLQDSLSDGTLIAMGLSVAVAFSVMLLTTWNIIISLYAIVSIAGTIFVTVGSLVLLGWELNVLESVTISVAVGLSVD
FAVHYGVAYRLAPDPDREGKVIFSLSRMGSAIAMAALTTFVAGAMMMPSTVLAYTQLGTFMMLVMCVSWAFATFFFQCLC
RCLGPQGTCGQIPFPTKLQCSPFSHTLSARPGDRGPSKTHAASAYSVDARGQKSQLEHEFYELQPLASHSCTSSEKTTYE
EPHTCSEFFNGQAKNLRMPVPAAYSSELTKSPSSEPGSALLQSCLEQDTVCHFSLNPRCNCRDAYTHLQYGLPEIHCQQM
GDSLCHKCASTAGGFVQIQSSVAPLKASHQAAEGLLHPAQHMLPPGMQNSRPRNFFLHSVQHFQAQENLGRTSTHSTDER
LPRTAELSPPPSDSRSTESFQRACCHPENNQRRLCKSRDPGDTEGSGGTKSKVSGLPNQTDKEEKQVEPSLLQTDETVNS
EHLNHNESNFTFSHLPGEAGCRSCPNSPQSCRSIMRSKCGTEDCQTPNLEANVPAVPTHSDLSGESLLIKTL
;
A
2 'polypeptide(L)'
;GPGRGFGKRRHPKKLTPLAYKQFIPNVAEKTLGASGRYEGKITRNSERFKELTPNYNPDIIFKDEENTGADRLMTQRCKD
KLNALAISVMNQWPGVKLRVTEGWDEDGHHSEESLHYEGRAVDITTSDRDRSKYGMLARLAVEAGFDWVYYESKAHIHCS
VKAE
;
H
#
# COMPACT_ATOMS: atom_id res chain seq x y z
N PHE A 5 -60.95 4.26 13.16
CA PHE A 5 -59.62 4.15 13.80
C PHE A 5 -59.57 2.94 14.72
N LYS A 6 -58.68 1.97 14.44
CA LYS A 6 -58.53 0.70 15.20
C LYS A 6 -57.06 0.30 15.44
N PHE A 7 -56.17 1.27 15.65
CA PHE A 7 -54.74 1.00 15.86
C PHE A 7 -54.53 0.07 17.09
N PRO A 8 -53.63 -0.93 17.02
CA PRO A 8 -53.35 -1.84 18.12
C PRO A 8 -52.89 -1.15 19.42
N ARG A 9 -53.25 -1.73 20.56
CA ARG A 9 -53.04 -1.18 21.91
C ARG A 9 -51.56 -1.02 22.32
N SER A 10 -50.67 -1.81 21.73
CA SER A 10 -49.27 -1.95 22.14
C SER A 10 -48.43 -2.51 20.99
N TYR A 11 -47.11 -2.48 21.12
CA TYR A 11 -46.21 -3.08 20.13
C TYR A 11 -46.39 -4.60 19.98
N ALA A 12 -46.58 -5.32 21.08
CA ALA A 12 -46.87 -6.76 21.01
C ALA A 12 -48.18 -7.04 20.28
N ALA A 13 -49.21 -6.22 20.48
CA ALA A 13 -50.46 -6.30 19.74
C ALA A 13 -50.30 -5.90 18.26
N LEU A 14 -49.42 -4.97 17.91
CA LEU A 14 -49.12 -4.63 16.52
C LEU A 14 -48.53 -5.81 15.75
N LEU A 15 -47.50 -6.45 16.31
CA LEU A 15 -46.90 -7.64 15.71
C LEU A 15 -47.88 -8.80 15.64
N ALA A 16 -48.75 -8.96 16.63
CA ALA A 16 -49.76 -10.01 16.65
C ALA A 16 -50.90 -9.77 15.66
N ASP A 17 -51.45 -8.55 15.59
CA ASP A 17 -52.62 -8.22 14.78
C ASP A 17 -52.30 -7.84 13.33
N TRP A 18 -51.21 -7.10 13.10
CA TRP A 18 -50.85 -6.56 11.77
C TRP A 18 -49.41 -6.91 11.33
N PRO A 19 -48.98 -8.19 11.36
CA PRO A 19 -47.63 -8.55 10.95
C PRO A 19 -47.33 -8.23 9.47
N VAL A 20 -48.33 -8.27 8.58
CA VAL A 20 -48.13 -7.93 7.16
C VAL A 20 -47.83 -6.44 6.96
N VAL A 21 -48.37 -5.55 7.81
CA VAL A 21 -48.01 -4.12 7.80
C VAL A 21 -46.53 -3.97 8.12
N VAL A 22 -46.04 -4.65 9.16
CA VAL A 22 -44.63 -4.61 9.57
C VAL A 22 -43.71 -5.12 8.45
N LEU A 23 -44.04 -6.25 7.82
CA LEU A 23 -43.22 -6.75 6.70
C LEU A 23 -43.29 -5.83 5.47
N GLY A 24 -44.46 -5.27 5.15
CA GLY A 24 -44.61 -4.30 4.08
C GLY A 24 -43.75 -3.05 4.31
N MET A 25 -43.88 -2.39 5.46
CA MET A 25 -43.07 -1.22 5.80
C MET A 25 -41.57 -1.53 5.83
N CYS A 26 -41.13 -2.66 6.40
CA CYS A 26 -39.72 -3.04 6.31
C CYS A 26 -39.27 -3.24 4.87
N THR A 27 -40.05 -3.94 4.03
CA THR A 27 -39.65 -4.20 2.65
C THR A 27 -39.58 -2.92 1.84
N LEU A 28 -40.52 -1.99 2.03
CA LEU A 28 -40.51 -0.68 1.38
C LEU A 28 -39.25 0.12 1.75
N LEU A 29 -38.92 0.22 3.03
CA LEU A 29 -37.71 0.90 3.49
C LEU A 29 -36.45 0.21 2.96
N ILE A 30 -36.39 -1.12 2.92
CA ILE A 30 -35.24 -1.85 2.39
C ILE A 30 -35.04 -1.59 0.90
N VAL A 31 -36.09 -1.64 0.06
CA VAL A 31 -35.92 -1.32 -1.37
C VAL A 31 -35.61 0.16 -1.62
N VAL A 32 -36.14 1.10 -0.84
CA VAL A 32 -35.77 2.51 -0.94
C VAL A 32 -34.29 2.72 -0.61
N CYS A 33 -33.77 2.11 0.47
CA CYS A 33 -32.33 2.14 0.76
C CYS A 33 -31.51 1.50 -0.36
N ALA A 34 -31.95 0.38 -0.92
CA ALA A 34 -31.26 -0.30 -2.00
C ALA A 34 -31.16 0.56 -3.27
N LEU A 35 -32.28 1.14 -3.71
CA LEU A 35 -32.33 2.01 -4.89
C LEU A 35 -31.46 3.24 -4.71
N VAL A 36 -31.66 4.02 -3.64
CA VAL A 36 -30.87 5.23 -3.40
C VAL A 36 -29.38 4.89 -3.27
N GLY A 37 -29.04 3.79 -2.61
CA GLY A 37 -27.67 3.32 -2.44
C GLY A 37 -26.95 3.01 -3.76
N VAL A 38 -27.60 2.40 -4.76
CA VAL A 38 -26.96 2.18 -6.07
C VAL A 38 -27.04 3.40 -7.01
N LEU A 39 -28.04 4.27 -6.86
CA LEU A 39 -28.25 5.40 -7.77
C LEU A 39 -27.44 6.66 -7.41
N VAL A 40 -27.38 7.05 -6.14
CA VAL A 40 -26.88 8.37 -5.72
C VAL A 40 -25.35 8.44 -5.58
N PRO A 41 -24.69 7.66 -4.71
CA PRO A 41 -23.25 7.78 -4.51
C PRO A 41 -22.43 7.21 -5.67
N GLU A 42 -21.17 7.65 -5.80
CA GLU A 42 -20.19 6.98 -6.65
C GLU A 42 -19.80 5.63 -6.03
N LEU A 43 -19.75 4.56 -6.82
CA LEU A 43 -19.50 3.22 -6.30
C LEU A 43 -18.07 3.04 -5.75
N PRO A 44 -17.82 2.07 -4.86
CA PRO A 44 -16.50 1.79 -4.31
C PRO A 44 -15.46 1.45 -5.38
N ASP A 45 -14.22 1.89 -5.16
CA ASP A 45 -13.07 1.62 -6.02
C ASP A 45 -12.02 0.83 -5.22
N PHE A 46 -11.62 -0.35 -5.69
CA PHE A 46 -10.62 -1.18 -5.05
C PHE A 46 -9.33 -1.34 -5.85
N SER A 47 -9.11 -0.50 -6.85
CA SER A 47 -7.91 -0.51 -7.69
C SER A 47 -6.62 -0.26 -6.90
N ASP A 48 -6.69 0.38 -5.73
CA ASP A 48 -5.62 0.40 -4.73
C ASP A 48 -6.12 -0.20 -3.39
N PRO A 49 -5.56 -1.34 -2.93
CA PRO A 49 -5.88 -1.89 -1.62
C PRO A 49 -5.28 -1.12 -0.44
N LEU A 50 -4.14 -0.44 -0.61
CA LEU A 50 -3.43 0.24 0.48
C LEU A 50 -3.96 1.66 0.70
N LEU A 51 -4.96 2.08 -0.07
CA LEU A 51 -5.65 3.35 0.07
C LEU A 51 -6.25 3.46 1.48
N GLY A 52 -5.95 4.55 2.19
CA GLY A 52 -6.44 4.78 3.55
C GLY A 52 -5.64 4.14 4.67
N PHE A 53 -4.55 3.42 4.39
CA PHE A 53 -3.64 2.86 5.42
C PHE A 53 -2.67 3.93 5.94
N GLU A 54 -3.18 5.12 6.21
CA GLU A 54 -2.46 6.34 6.55
C GLU A 54 -2.98 6.89 7.86
N PRO A 55 -2.14 7.25 8.83
CA PRO A 55 -2.56 8.09 9.95
C PRO A 55 -2.88 9.51 9.47
N ARG A 56 -3.93 10.10 10.06
CA ARG A 56 -4.30 11.45 9.74
C ARG A 56 -4.43 12.25 11.07
N GLY A 57 -4.04 13.52 11.05
CA GLY A 57 -4.13 14.41 12.23
C GLY A 57 -3.06 14.21 13.30
N THR A 58 -2.18 13.22 13.17
CA THR A 58 -0.97 13.06 14.00
C THR A 58 0.03 14.18 13.73
N THR A 59 0.96 14.45 14.66
CA THR A 59 2.00 15.48 14.45
C THR A 59 2.88 15.16 13.23
N ILE A 60 3.43 13.95 13.16
CA ILE A 60 4.24 13.51 12.02
C ILE A 60 3.40 13.48 10.75
N GLY A 61 2.18 12.95 10.78
CA GLY A 61 1.32 12.87 9.61
C GLY A 61 0.96 14.22 9.01
N GLN A 62 0.67 15.24 9.83
CA GLN A 62 0.44 16.60 9.31
C GLN A 62 1.66 17.23 8.67
N ARG A 63 2.87 16.95 9.17
CA ARG A 63 4.11 17.44 8.53
C ARG A 63 4.42 16.68 7.25
N LEU A 64 4.17 15.38 7.20
CA LEU A 64 4.30 14.59 5.97
C LEU A 64 3.28 14.99 4.91
N VAL A 65 2.03 15.25 5.27
CA VAL A 65 1.01 15.80 4.36
C VAL A 65 1.46 17.17 3.84
N THR A 66 1.95 18.05 4.69
CA THR A 66 2.43 19.38 4.30
C THR A 66 3.61 19.30 3.34
N TRP A 67 4.58 18.44 3.61
CA TRP A 67 5.74 18.24 2.75
C TRP A 67 5.36 17.66 1.37
N ASN A 68 4.39 16.75 1.31
CA ASN A 68 3.84 16.29 0.03
C ASN A 68 3.03 17.36 -0.71
N ASN A 69 2.24 18.20 -0.03
CA ASN A 69 1.61 19.37 -0.64
C ASN A 69 2.64 20.35 -1.20
N MET A 70 3.78 20.56 -0.55
CA MET A 70 4.88 21.38 -1.11
C MET A 70 5.46 20.77 -2.37
N MET A 71 5.74 19.47 -2.39
CA MET A 71 6.29 18.80 -3.57
C MET A 71 5.33 18.75 -4.77
N ARG A 72 4.02 18.59 -4.55
CA ARG A 72 2.97 18.73 -5.57
C ARG A 72 2.86 20.13 -6.16
N ASN A 73 3.21 21.17 -5.42
CA ASN A 73 3.03 22.59 -5.78
C ASN A 73 4.35 23.33 -6.04
N THR A 74 5.43 22.60 -6.31
CA THR A 74 6.73 23.17 -6.66
C THR A 74 7.05 22.90 -8.13
N GLY A 75 7.33 23.93 -8.92
CA GLY A 75 7.65 23.80 -10.35
C GLY A 75 7.48 25.10 -11.12
N TYR A 76 7.62 25.07 -12.45
CA TYR A 76 7.45 26.25 -13.29
C TYR A 76 6.01 26.80 -13.21
N LYS A 77 5.88 28.09 -12.85
CA LYS A 77 4.61 28.81 -12.62
C LYS A 77 3.67 28.16 -11.59
N ALA A 78 4.18 27.31 -10.70
CA ALA A 78 3.44 26.75 -9.58
C ALA A 78 3.43 27.72 -8.37
N THR A 79 2.82 27.32 -7.24
CA THR A 79 2.82 28.12 -6.00
C THR A 79 4.23 28.42 -5.50
N LEU A 80 5.14 27.47 -5.62
CA LEU A 80 6.54 27.56 -5.21
C LEU A 80 7.45 27.16 -6.37
N ALA A 81 8.66 27.71 -6.43
CA ALA A 81 9.66 27.37 -7.44
C ALA A 81 11.06 27.37 -6.83
N ASN A 82 11.96 26.55 -7.36
CA ASN A 82 13.38 26.57 -7.01
C ASN A 82 14.14 27.75 -7.64
N TYR A 83 13.63 28.33 -8.73
CA TYR A 83 14.29 29.40 -9.48
C TYR A 83 13.41 30.65 -9.52
N PRO A 84 14.01 31.86 -9.50
CA PRO A 84 13.31 33.11 -9.69
C PRO A 84 12.96 33.29 -11.17
N TYR A 85 11.93 32.58 -11.64
CA TYR A 85 11.64 32.49 -13.07
C TYR A 85 11.24 33.83 -13.70
N LYS A 86 10.62 34.77 -12.98
CA LYS A 86 10.26 36.07 -13.55
C LYS A 86 11.50 36.93 -13.82
N TYR A 87 12.46 36.91 -12.92
CA TYR A 87 13.79 37.49 -13.09
C TYR A 87 14.54 36.80 -14.23
N ALA A 88 14.51 35.47 -14.34
CA ALA A 88 15.13 34.75 -15.45
C ALA A 88 14.53 35.14 -16.82
N GLU A 89 13.19 35.22 -16.91
CA GLU A 89 12.47 35.68 -18.10
C GLU A 89 12.86 37.11 -18.46
N GLU A 90 12.87 38.04 -17.50
CA GLU A 90 13.27 39.43 -17.72
C GLU A 90 14.75 39.57 -18.09
N GLN A 91 15.64 38.74 -17.54
CA GLN A 91 17.06 38.75 -17.88
C GLN A 91 17.28 38.25 -19.31
N ALA A 92 16.59 37.18 -19.72
CA ALA A 92 16.61 36.68 -21.09
C ALA A 92 16.04 37.70 -22.09
N ARG A 93 14.89 38.33 -21.78
CA ARG A 93 14.31 39.42 -22.58
C ARG A 93 15.24 40.63 -22.68
N SER A 94 15.99 40.95 -21.62
CA SER A 94 17.00 42.01 -21.65
C SER A 94 18.14 41.68 -22.61
N HIS A 95 18.64 40.44 -22.61
CA HIS A 95 19.61 39.97 -23.61
C HIS A 95 19.01 39.96 -25.02
N ARG A 96 17.74 39.56 -25.18
CA ARG A 96 17.11 39.57 -26.51
C ARG A 96 17.11 41.01 -27.04
N ASP A 97 16.56 41.95 -26.27
CA ASP A 97 16.52 43.36 -26.65
C ASP A 97 17.93 43.92 -26.94
N ASP A 98 18.94 43.52 -26.16
CA ASP A 98 20.33 43.96 -26.36
C ASP A 98 20.96 43.41 -27.66
N ARG A 99 20.68 42.14 -27.96
CA ARG A 99 21.33 41.51 -29.10
C ARG A 99 20.43 40.80 -30.09
N TRP A 100 19.67 39.77 -29.71
CA TRP A 100 18.90 38.91 -30.64
C TRP A 100 17.96 39.69 -31.57
N SER A 101 17.35 40.78 -31.07
CA SER A 101 16.45 41.66 -31.83
C SER A 101 17.12 42.31 -33.05
N ASP A 102 18.45 42.48 -33.04
CA ASP A 102 19.25 42.84 -34.22
C ASP A 102 19.95 41.62 -34.85
N ASP A 103 20.48 40.71 -34.04
CA ASP A 103 21.37 39.62 -34.47
C ASP A 103 20.65 38.43 -35.13
N HIS A 104 19.37 38.20 -34.86
CA HIS A 104 18.53 37.28 -35.64
C HIS A 104 17.91 38.05 -36.82
N HIS A 105 18.69 38.22 -37.89
CA HIS A 105 18.51 39.26 -38.92
C HIS A 105 17.15 39.26 -39.64
N GLU A 106 16.54 38.10 -39.84
CA GLU A 106 15.31 37.92 -40.61
C GLU A 106 14.44 36.76 -40.07
N ARG A 107 13.11 36.93 -40.12
CA ARG A 107 12.18 35.94 -39.57
C ARG A 107 12.52 35.64 -38.11
N GLU A 111 9.51 -12.84 -36.41
CA GLU A 111 10.73 -12.07 -36.09
C GLU A 111 11.98 -12.95 -36.08
N VAL A 112 13.15 -12.35 -36.31
CA VAL A 112 14.45 -13.04 -36.20
C VAL A 112 14.87 -13.09 -34.73
N ASP A 113 15.30 -14.24 -34.22
CA ASP A 113 15.83 -14.34 -32.85
C ASP A 113 17.22 -13.68 -32.74
N TRP A 114 17.52 -13.08 -31.58
CA TRP A 114 18.81 -12.42 -31.36
C TRP A 114 19.99 -13.38 -31.51
N ASN A 115 21.01 -12.98 -32.27
CA ASN A 115 22.21 -13.76 -32.49
C ASN A 115 23.41 -13.07 -31.84
N PHE A 116 23.98 -13.67 -30.80
CA PHE A 116 25.07 -13.06 -30.03
C PHE A 116 26.44 -13.10 -30.72
N GLN A 117 26.60 -13.80 -31.84
CA GLN A 117 27.81 -13.69 -32.68
C GLN A 117 27.77 -12.42 -33.53
N LYS A 118 26.60 -12.07 -34.10
CA LYS A 118 26.40 -10.82 -34.84
C LYS A 118 26.31 -9.62 -33.90
N ASP A 119 25.46 -9.72 -32.88
CA ASP A 119 25.18 -8.68 -31.90
C ASP A 119 25.64 -9.11 -30.50
N SER A 120 26.95 -9.03 -30.27
CA SER A 120 27.59 -9.48 -29.01
C SER A 120 27.38 -8.48 -27.85
N PHE A 121 26.13 -8.10 -27.61
CA PHE A 121 25.71 -7.21 -26.54
C PHE A 121 24.25 -7.45 -26.17
N PHE A 122 23.88 -7.13 -24.92
CA PHE A 122 22.49 -6.89 -24.54
C PHE A 122 22.10 -5.44 -24.85
N CYS A 123 20.82 -5.17 -25.10
CA CYS A 123 20.33 -3.81 -25.38
C CYS A 123 20.50 -2.82 -24.22
N ASP A 124 20.60 -3.32 -22.98
CA ASP A 124 20.80 -2.52 -21.77
C ASP A 124 21.31 -3.41 -20.61
N VAL A 125 21.60 -2.82 -19.45
CA VAL A 125 21.79 -3.54 -18.19
C VAL A 125 20.44 -4.00 -17.59
N PRO A 126 20.37 -5.10 -16.82
CA PRO A 126 19.18 -5.43 -16.04
C PRO A 126 18.84 -4.32 -15.04
N SER A 127 17.57 -4.18 -14.67
CA SER A 127 17.15 -3.20 -13.67
C SER A 127 15.81 -3.56 -13.05
N ASP A 128 15.46 -2.92 -11.94
CA ASP A 128 14.19 -3.09 -11.26
C ASP A 128 12.97 -2.63 -12.09
N GLY A 129 13.15 -1.93 -13.22
CA GLY A 129 12.06 -1.48 -14.08
C GLY A 129 11.51 -2.54 -15.04
N TYR A 130 12.28 -3.60 -15.30
CA TYR A 130 11.89 -4.70 -16.18
C TYR A 130 11.11 -5.79 -15.45
N SER A 131 10.22 -6.45 -16.18
CA SER A 131 9.47 -7.61 -15.72
C SER A 131 10.39 -8.80 -15.48
N ARG A 132 10.19 -9.56 -14.40
CA ARG A 132 11.10 -10.64 -14.02
C ARG A 132 10.43 -11.79 -13.28
N VAL A 133 11.04 -12.97 -13.36
CA VAL A 133 10.60 -14.19 -12.65
C VAL A 133 11.77 -14.84 -11.96
N VAL A 134 11.50 -15.50 -10.84
CA VAL A 134 12.47 -16.28 -10.05
C VAL A 134 12.21 -17.75 -10.29
N PHE A 135 13.28 -18.48 -10.61
CA PHE A 135 13.29 -19.91 -10.79
C PHE A 135 13.91 -20.63 -9.59
N ALA A 136 13.37 -21.81 -9.27
CA ALA A 136 13.94 -22.79 -8.36
C ALA A 136 14.05 -24.16 -9.06
N SER A 137 14.91 -25.04 -8.56
CA SER A 137 15.04 -26.42 -9.08
C SER A 137 13.80 -27.26 -8.75
N ALA A 138 13.24 -27.98 -9.73
CA ALA A 138 12.08 -28.85 -9.48
C ALA A 138 12.43 -30.11 -8.64
N GLY A 139 13.66 -30.62 -8.79
CA GLY A 139 14.19 -31.77 -8.04
C GLY A 139 15.09 -31.43 -6.84
N GLY A 140 15.13 -30.17 -6.40
CA GLY A 140 15.95 -29.72 -5.26
C GLY A 140 17.47 -29.59 -5.52
N GLU A 141 17.93 -29.89 -6.74
CA GLU A 141 19.33 -29.80 -7.16
C GLU A 141 19.87 -28.35 -7.16
N THR A 142 21.17 -28.16 -7.40
CA THR A 142 21.68 -26.85 -7.84
C THR A 142 21.08 -26.48 -9.20
N LEU A 143 20.64 -25.23 -9.39
CA LEU A 143 20.22 -24.74 -10.72
C LEU A 143 21.39 -24.67 -11.72
N TRP A 144 22.65 -24.69 -11.27
CA TRP A 144 23.80 -24.58 -12.16
C TRP A 144 24.09 -25.90 -12.88
N ASN A 145 23.21 -26.28 -13.81
CA ASN A 145 23.35 -27.43 -14.70
C ASN A 145 22.71 -27.12 -16.06
N LEU A 146 23.21 -27.70 -17.14
CA LEU A 146 22.78 -27.33 -18.49
C LEU A 146 21.26 -27.54 -18.72
N PRO A 147 20.63 -28.65 -18.30
CA PRO A 147 19.18 -28.81 -18.42
C PRO A 147 18.37 -27.71 -17.72
N ALA A 148 18.78 -27.28 -16.52
CA ALA A 148 18.12 -26.19 -15.80
C ALA A 148 18.33 -24.84 -16.48
N ILE A 149 19.55 -24.53 -16.95
CA ILE A 149 19.81 -23.29 -17.70
C ILE A 149 18.93 -23.23 -18.95
N LYS A 150 18.89 -24.30 -19.77
CA LYS A 150 18.05 -24.33 -20.97
C LYS A 150 16.56 -24.31 -20.63
N SER A 151 16.13 -24.96 -19.54
CA SER A 151 14.76 -24.88 -19.04
C SER A 151 14.30 -23.44 -18.77
N MET A 152 15.15 -22.59 -18.17
CA MET A 152 14.80 -21.19 -17.93
C MET A 152 14.61 -20.41 -19.23
N CYS A 153 15.48 -20.60 -20.23
CA CYS A 153 15.32 -20.02 -21.56
C CYS A 153 14.05 -20.55 -22.27
N ASP A 154 13.80 -21.85 -22.21
CA ASP A 154 12.61 -22.48 -22.77
C ASP A 154 11.32 -21.95 -22.16
N VAL A 155 11.25 -21.74 -20.84
CA VAL A 155 10.08 -21.18 -20.17
C VAL A 155 9.81 -19.75 -20.62
N ASP A 156 10.83 -18.89 -20.71
CA ASP A 156 10.70 -17.52 -21.22
C ASP A 156 10.20 -17.48 -22.66
N ASN A 157 10.81 -18.28 -23.55
CA ASN A 157 10.38 -18.40 -24.94
C ASN A 157 8.94 -18.91 -25.06
N SER A 158 8.54 -19.88 -24.22
CA SER A 158 7.22 -20.50 -24.27
C SER A 158 6.12 -19.65 -23.65
N ARG A 159 6.37 -19.00 -22.51
CA ARG A 159 5.36 -18.32 -21.69
C ARG A 159 5.29 -16.81 -21.93
N ILE A 160 6.40 -16.14 -22.23
CA ILE A 160 6.43 -14.68 -22.36
C ILE A 160 6.58 -14.31 -23.83
N ARG A 161 7.71 -14.63 -24.47
CA ARG A 161 8.01 -14.15 -25.85
C ARG A 161 7.05 -14.65 -26.93
N SER A 162 6.38 -15.76 -26.68
CA SER A 162 5.37 -16.32 -27.58
C SER A 162 4.07 -15.50 -27.63
N HIS A 163 3.77 -14.70 -26.61
CA HIS A 163 2.47 -14.06 -26.46
C HIS A 163 2.21 -13.05 -27.58
N PRO A 164 0.99 -12.96 -28.17
CA PRO A 164 0.73 -12.08 -29.30
C PRO A 164 1.08 -10.61 -29.06
N GLN A 165 0.96 -10.13 -27.82
CA GLN A 165 1.25 -8.76 -27.45
C GLN A 165 2.74 -8.49 -27.21
N PHE A 166 3.58 -9.52 -27.00
CA PHE A 166 5.00 -9.33 -26.65
C PHE A 166 5.77 -8.53 -27.70
N SER A 167 5.51 -8.75 -28.99
CA SER A 167 6.16 -8.02 -30.09
C SER A 167 5.95 -6.49 -30.00
N ASP A 168 4.84 -6.04 -29.44
CA ASP A 168 4.54 -4.62 -29.25
C ASP A 168 5.13 -4.06 -27.96
N LEU A 169 5.35 -4.91 -26.95
CA LEU A 169 5.87 -4.53 -25.64
C LEU A 169 7.39 -4.56 -25.55
N CYS A 170 8.06 -5.43 -26.31
CA CYS A 170 9.49 -5.67 -26.19
C CYS A 170 10.33 -4.45 -26.57
N GLN A 171 11.45 -4.24 -25.90
CA GLN A 171 12.50 -3.32 -26.32
C GLN A 171 13.17 -3.79 -27.63
N ARG A 172 13.65 -2.85 -28.46
CA ARG A 172 14.29 -3.11 -29.76
C ARG A 172 15.46 -2.15 -30.01
N THR A 173 16.45 -2.55 -30.79
CA THR A 173 17.33 -1.60 -31.51
C THR A 173 16.84 -1.34 -32.94
N THR A 174 16.16 -2.32 -33.54
CA THR A 174 15.82 -2.41 -34.97
C THR A 174 14.48 -3.13 -35.12
N ALA A 175 13.69 -2.84 -36.16
CA ALA A 175 12.35 -3.42 -36.31
C ALA A 175 12.30 -4.96 -36.49
N VAL A 176 13.41 -5.59 -36.90
CA VAL A 176 13.49 -7.02 -37.27
C VAL A 176 13.40 -8.01 -36.09
N SER A 177 13.80 -7.59 -34.89
CA SER A 177 13.94 -8.48 -33.72
C SER A 177 13.70 -7.77 -32.39
N CYS A 178 13.22 -8.49 -31.38
CA CYS A 178 13.21 -8.01 -29.99
C CYS A 178 14.59 -8.19 -29.35
N CYS A 179 14.91 -7.39 -28.34
CA CYS A 179 16.08 -7.57 -27.49
C CYS A 179 16.11 -8.95 -26.80
N PRO A 180 17.28 -9.48 -26.45
CA PRO A 180 17.40 -10.74 -25.71
C PRO A 180 17.04 -10.56 -24.23
N SER A 181 16.52 -11.60 -23.58
CA SER A 181 16.26 -11.60 -22.14
C SER A 181 17.57 -11.72 -21.35
N TRP A 182 17.69 -11.05 -20.21
CA TRP A 182 18.82 -11.26 -19.30
C TRP A 182 18.60 -12.54 -18.50
N THR A 183 19.40 -13.56 -18.79
CA THR A 183 19.25 -14.93 -18.29
C THR A 183 20.62 -15.58 -18.31
N LEU A 184 20.92 -16.53 -17.42
CA LEU A 184 22.25 -17.16 -17.35
C LEU A 184 22.69 -17.74 -18.69
N GLY A 185 21.81 -18.43 -19.42
CA GLY A 185 22.13 -19.00 -20.73
C GLY A 185 22.56 -17.98 -21.77
N ASN A 186 22.03 -16.76 -21.75
CA ASN A 186 22.45 -15.70 -22.66
C ASN A 186 23.80 -15.09 -22.25
N TYR A 187 24.09 -14.96 -20.95
CA TYR A 187 25.43 -14.57 -20.49
C TYR A 187 26.47 -15.63 -20.83
N ILE A 188 26.14 -16.92 -20.74
CA ILE A 188 26.99 -17.99 -21.24
C ILE A 188 27.20 -17.85 -22.76
N ALA A 189 26.16 -17.54 -23.52
CA ALA A 189 26.23 -17.35 -24.97
C ALA A 189 27.00 -16.10 -25.46
N ILE A 190 27.29 -15.10 -24.62
CA ILE A 190 28.30 -14.07 -24.95
C ILE A 190 29.69 -14.43 -24.45
N LEU A 191 29.82 -15.06 -23.28
CA LEU A 191 31.14 -15.40 -22.72
C LEU A 191 31.85 -16.50 -23.53
N ASN A 192 31.11 -17.51 -23.98
CA ASN A 192 31.49 -18.36 -25.09
C ASN A 192 30.56 -17.99 -26.25
N ASN A 193 31.10 -17.57 -27.40
CA ASN A 193 30.33 -16.84 -28.42
C ASN A 193 29.42 -17.75 -29.26
N ARG A 194 28.34 -18.24 -28.67
CA ARG A 194 27.27 -19.02 -29.31
C ARG A 194 26.22 -18.10 -29.93
N SER A 195 25.35 -18.65 -30.79
CA SER A 195 24.24 -17.87 -31.34
C SER A 195 23.24 -17.42 -30.25
N SER A 196 22.88 -18.33 -29.35
CA SER A 196 21.84 -18.13 -28.32
C SER A 196 21.98 -19.16 -27.19
N CYS A 197 21.22 -18.98 -26.11
CA CYS A 197 21.07 -19.98 -25.03
C CYS A 197 20.78 -21.40 -25.54
N GLN A 198 20.04 -21.56 -26.64
CA GLN A 198 19.66 -22.87 -27.17
C GLN A 198 20.84 -23.68 -27.74
N LYS A 199 22.00 -23.04 -27.97
CA LYS A 199 23.20 -23.66 -28.59
C LYS A 199 24.44 -23.68 -27.69
N ILE A 200 24.32 -23.37 -26.40
CA ILE A 200 25.41 -23.52 -25.43
C ILE A 200 25.65 -24.99 -25.04
N VAL A 201 26.84 -25.29 -24.53
CA VAL A 201 27.35 -26.66 -24.30
C VAL A 201 27.96 -26.78 -22.89
N GLU A 202 28.08 -28.01 -22.35
CA GLU A 202 28.63 -28.26 -21.00
C GLU A 202 29.99 -27.60 -20.74
N ARG A 203 30.88 -27.54 -21.74
CA ARG A 203 32.16 -26.82 -21.60
C ARG A 203 31.99 -25.31 -21.39
N ASP A 204 30.97 -24.70 -21.98
CA ASP A 204 30.64 -23.28 -21.82
C ASP A 204 30.11 -22.98 -20.41
N VAL A 205 29.22 -23.86 -19.92
CA VAL A 205 28.71 -23.82 -18.55
C VAL A 205 29.87 -23.96 -17.55
N SER A 206 30.78 -24.91 -17.78
CA SER A 206 31.94 -25.17 -16.93
C SER A 206 32.96 -24.03 -16.96
N HIS A 207 33.30 -23.53 -18.15
CA HIS A 207 34.18 -22.37 -18.31
C HIS A 207 33.60 -21.11 -17.64
N THR A 208 32.30 -20.87 -17.79
CA THR A 208 31.62 -19.76 -17.12
C THR A 208 31.68 -19.91 -15.60
N LEU A 209 31.50 -21.13 -15.07
CA LEU A 209 31.62 -21.37 -13.63
C LEU A 209 33.05 -21.11 -13.12
N LYS A 210 34.07 -21.55 -13.86
CA LYS A 210 35.49 -21.26 -13.55
C LYS A 210 35.76 -19.76 -13.54
N LEU A 211 35.22 -19.00 -14.49
CA LEU A 211 35.31 -17.54 -14.50
C LEU A 211 34.63 -16.92 -13.26
N LEU A 212 33.43 -17.38 -12.90
CA LEU A 212 32.72 -16.91 -11.71
C LEU A 212 33.50 -17.19 -10.42
N ARG A 213 33.97 -18.43 -10.21
CA ARG A 213 34.82 -18.81 -9.07
C ARG A 213 36.11 -17.97 -8.99
N THR A 214 36.72 -17.68 -10.13
CA THR A 214 37.93 -16.86 -10.22
C THR A 214 37.67 -15.40 -9.85
N CYS A 215 36.61 -14.80 -10.41
CA CYS A 215 36.35 -13.36 -10.34
C CYS A 215 35.50 -12.91 -9.13
N ALA A 216 34.72 -13.80 -8.51
CA ALA A 216 33.79 -13.42 -7.44
C ALA A 216 34.45 -12.74 -6.24
N LYS A 217 35.72 -13.05 -5.94
CA LYS A 217 36.51 -12.35 -4.90
C LYS A 217 36.63 -10.84 -5.12
N HIS A 218 36.68 -10.37 -6.37
CA HIS A 218 36.65 -8.94 -6.69
C HIS A 218 35.26 -8.33 -6.59
N TYR A 219 34.19 -9.10 -6.84
CA TYR A 219 32.82 -8.64 -6.55
C TYR A 219 32.59 -8.50 -5.04
N GLN A 220 32.97 -9.52 -4.27
CA GLN A 220 32.87 -9.53 -2.80
C GLN A 220 33.65 -8.38 -2.16
N ASN A 221 34.82 -8.03 -2.72
CA ASN A 221 35.69 -6.97 -2.22
C ASN A 221 35.37 -5.57 -2.79
N GLY A 222 34.34 -5.44 -3.63
CA GLY A 222 33.91 -4.17 -4.23
C GLY A 222 34.83 -3.59 -5.32
N THR A 223 35.87 -4.32 -5.72
CA THR A 223 36.85 -3.89 -6.73
C THR A 223 36.38 -4.09 -8.18
N LEU A 224 35.43 -5.02 -8.43
CA LEU A 224 34.96 -5.33 -9.79
C LEU A 224 34.14 -4.21 -10.43
N GLY A 225 32.93 -3.94 -9.91
CA GLY A 225 32.03 -2.85 -10.36
C GLY A 225 31.44 -2.98 -11.78
N PRO A 226 30.48 -2.10 -12.13
CA PRO A 226 29.84 -2.04 -13.46
C PRO A 226 30.53 -1.14 -14.49
N ASP A 227 31.62 -0.45 -14.15
CA ASP A 227 32.11 0.70 -14.93
C ASP A 227 32.99 0.35 -16.14
N CYS A 228 34.07 -0.40 -15.94
CA CYS A 228 35.24 -0.35 -16.83
C CYS A 228 35.03 -0.97 -18.23
N TRP A 229 34.00 -1.80 -18.42
CA TRP A 229 33.72 -2.34 -19.76
C TRP A 229 33.38 -1.25 -20.80
N ASP A 230 32.84 -0.10 -20.39
CA ASP A 230 32.50 0.99 -21.34
C ASP A 230 33.74 1.48 -22.12
N LYS A 231 34.83 1.79 -21.41
CA LYS A 231 36.11 2.19 -22.01
C LYS A 231 36.82 1.01 -22.69
N ALA A 232 36.75 -0.18 -22.10
CA ALA A 232 37.32 -1.38 -22.70
C ALA A 232 36.68 -1.76 -24.06
N ALA A 233 35.37 -1.51 -24.23
CA ALA A 233 34.68 -1.69 -25.51
C ALA A 233 35.13 -0.68 -26.57
N ARG A 234 35.57 0.53 -26.17
CA ARG A 234 36.11 1.55 -27.09
C ARG A 234 37.53 1.17 -27.57
N ARG A 235 38.36 0.68 -26.64
CA ARG A 235 39.74 0.38 -26.96
C ARG A 235 39.97 -0.94 -27.71
N LYS A 236 40.85 -0.93 -28.71
CA LYS A 236 41.19 -2.15 -29.49
C LYS A 236 42.24 -3.04 -28.82
N ASP A 237 43.13 -2.47 -28.02
CA ASP A 237 44.34 -3.12 -27.52
C ASP A 237 44.16 -3.77 -26.13
N GLN A 238 43.76 -3.00 -25.12
CA GLN A 238 43.75 -3.38 -23.71
C GLN A 238 42.86 -2.44 -22.87
N LEU A 239 42.60 -2.81 -21.61
CA LEU A 239 41.88 -1.99 -20.63
C LEU A 239 42.75 -1.70 -19.39
N LYS A 240 42.61 -0.51 -18.82
CA LYS A 240 43.31 -0.06 -17.60
C LYS A 240 42.51 0.92 -16.71
N CYS A 241 41.18 0.93 -16.85
CA CYS A 241 40.25 1.60 -15.93
C CYS A 241 39.98 0.83 -14.62
N THR A 242 40.71 -0.27 -14.38
CA THR A 242 40.59 -1.11 -13.17
C THR A 242 41.92 -1.80 -12.83
N ASN A 243 42.11 -2.16 -11.56
CA ASN A 243 43.18 -3.04 -11.08
C ASN A 243 42.79 -4.53 -11.04
N VAL A 244 41.55 -4.87 -11.43
CA VAL A 244 41.00 -6.23 -11.53
C VAL A 244 41.48 -6.94 -12.82
N PRO A 245 41.66 -8.28 -12.84
CA PRO A 245 42.00 -9.02 -14.05
C PRO A 245 41.00 -8.81 -15.20
N ARG A 246 41.52 -8.50 -16.40
CA ARG A 246 40.71 -8.09 -17.58
C ARG A 246 39.64 -9.10 -18.00
N LYS A 247 39.84 -10.39 -17.72
CA LYS A 247 38.87 -11.47 -18.04
C LYS A 247 37.55 -11.32 -17.27
N CYS A 248 37.59 -10.71 -16.08
CA CYS A 248 36.40 -10.53 -15.24
C CYS A 248 35.45 -9.45 -15.76
N THR A 249 35.94 -8.48 -16.55
CA THR A 249 35.16 -7.33 -17.02
C THR A 249 34.63 -7.46 -18.46
N LYS A 250 34.82 -8.61 -19.14
CA LYS A 250 34.71 -8.79 -20.62
C LYS A 250 33.44 -8.27 -21.32
N TYR A 251 32.32 -8.16 -20.60
CA TYR A 251 31.07 -7.54 -21.05
C TYR A 251 30.26 -6.93 -19.88
N ASN A 252 30.91 -6.60 -18.75
CA ASN A 252 30.29 -6.55 -17.41
C ASN A 252 29.60 -7.86 -16.95
N ALA A 253 29.82 -8.99 -17.63
CA ALA A 253 29.09 -10.23 -17.41
C ALA A 253 29.18 -10.75 -15.96
N VAL A 254 30.37 -10.87 -15.36
CA VAL A 254 30.50 -11.40 -13.99
C VAL A 254 29.79 -10.52 -12.97
N TYR A 255 29.95 -9.20 -13.06
CA TYR A 255 29.21 -8.29 -12.18
C TYR A 255 27.70 -8.48 -12.33
N GLN A 256 27.20 -8.55 -13.56
CA GLN A 256 25.77 -8.65 -13.80
C GLN A 256 25.19 -10.01 -13.37
N ILE A 257 25.89 -11.12 -13.62
CA ILE A 257 25.49 -12.44 -13.14
C ILE A 257 25.35 -12.43 -11.62
N LEU A 258 26.36 -11.96 -10.89
CA LEU A 258 26.38 -11.95 -9.43
C LEU A 258 25.40 -10.96 -8.81
N HIS A 259 25.33 -9.73 -9.34
CA HIS A 259 24.51 -8.67 -8.76
C HIS A 259 23.01 -8.84 -9.02
N TYR A 260 22.63 -9.51 -10.12
CA TYR A 260 21.23 -9.64 -10.55
C TYR A 260 20.73 -11.08 -10.67
N LEU A 261 21.47 -12.01 -11.26
CA LEU A 261 20.87 -13.25 -11.78
C LEU A 261 20.90 -14.45 -10.85
N VAL A 262 21.72 -14.42 -9.80
CA VAL A 262 21.94 -15.54 -8.87
C VAL A 262 21.67 -15.12 -7.44
N ASP A 263 21.18 -16.02 -6.60
CA ASP A 263 20.99 -15.70 -5.18
C ASP A 263 22.31 -15.35 -4.47
N LYS A 264 22.22 -14.58 -3.38
CA LYS A 264 23.36 -14.07 -2.61
C LYS A 264 24.32 -15.13 -2.06
N ASP A 265 23.89 -16.39 -1.96
CA ASP A 265 24.67 -17.48 -1.39
C ASP A 265 25.32 -18.38 -2.45
N PHE A 266 25.22 -18.06 -3.74
CA PHE A 266 25.88 -18.82 -4.81
C PHE A 266 27.41 -18.71 -4.74
N MET A 267 27.95 -17.49 -4.60
CA MET A 267 29.39 -17.22 -4.45
C MET A 267 29.63 -16.50 -3.13
N THR A 268 29.50 -17.23 -2.02
CA THR A 268 29.85 -16.79 -0.67
C THR A 268 31.36 -16.55 -0.52
N PRO A 269 31.80 -15.61 0.34
CA PRO A 269 33.23 -15.35 0.59
C PRO A 269 33.92 -16.53 1.30
N LYS A 270 33.17 -17.33 2.07
CA LYS A 270 33.45 -18.74 2.31
C LYS A 270 33.17 -19.53 1.02
N THR A 271 34.15 -19.63 0.12
CA THR A 271 33.93 -20.12 -1.25
C THR A 271 33.69 -21.63 -1.33
N ALA A 272 32.82 -22.05 -2.25
CA ALA A 272 32.48 -23.45 -2.52
C ALA A 272 33.58 -24.16 -3.33
N ASP A 273 34.77 -24.32 -2.75
CA ASP A 273 35.94 -24.93 -3.41
C ASP A 273 35.87 -26.47 -3.50
N TYR A 274 35.09 -27.09 -2.61
CA TYR A 274 34.98 -28.55 -2.44
C TYR A 274 34.11 -29.24 -3.50
N ALA A 275 33.02 -28.59 -3.94
CA ALA A 275 32.04 -29.11 -4.90
C ALA A 275 31.27 -27.93 -5.54
N VAL A 276 30.56 -28.18 -6.65
CA VAL A 276 29.79 -27.14 -7.36
C VAL A 276 28.82 -26.44 -6.39
N PRO A 277 28.81 -25.10 -6.31
CA PRO A 277 27.92 -24.37 -5.40
C PRO A 277 26.44 -24.63 -5.66
N ALA A 278 25.67 -24.62 -4.58
CA ALA A 278 24.21 -24.73 -4.63
C ALA A 278 23.59 -23.39 -5.03
N LEU A 279 23.42 -23.15 -6.33
CA LEU A 279 22.54 -22.10 -6.83
C LEU A 279 21.10 -22.51 -6.51
N LYS A 280 20.49 -21.88 -5.51
CA LYS A 280 19.16 -22.25 -5.04
C LYS A 280 18.10 -21.55 -5.89
N TYR A 281 18.32 -20.27 -6.18
CA TYR A 281 17.43 -19.43 -6.98
C TYR A 281 18.17 -18.64 -8.05
N SER A 282 17.55 -18.49 -9.21
CA SER A 282 18.02 -17.61 -10.29
C SER A 282 16.92 -16.71 -10.77
N MET A 283 17.27 -15.53 -11.28
CA MET A 283 16.31 -14.58 -11.83
C MET A 283 16.47 -14.42 -13.34
N LEU A 284 15.34 -14.30 -14.04
CA LEU A 284 15.25 -13.94 -15.44
C LEU A 284 14.59 -12.57 -15.57
N PHE A 285 15.15 -11.67 -16.38
CA PHE A 285 14.54 -10.39 -16.72
C PHE A 285 14.10 -10.40 -18.19
N SER A 286 12.86 -10.02 -18.44
CA SER A 286 12.29 -9.85 -19.77
C SER A 286 12.43 -8.39 -20.23
N PRO A 287 12.76 -8.08 -21.49
CA PRO A 287 12.90 -6.72 -22.00
C PRO A 287 11.55 -6.05 -22.24
N THR A 288 10.66 -6.11 -21.25
CA THR A 288 9.35 -5.48 -21.19
C THR A 288 9.25 -4.77 -19.86
N GLU A 289 8.86 -3.50 -19.86
CA GLU A 289 8.70 -2.73 -18.63
C GLU A 289 7.53 -3.27 -17.79
N LYS A 290 7.67 -3.25 -16.47
CA LYS A 290 6.61 -3.62 -15.51
C LYS A 290 5.35 -2.77 -15.70
N GLY A 291 4.19 -3.33 -15.38
CA GLY A 291 2.95 -2.57 -15.21
C GLY A 291 1.75 -3.24 -15.85
N GLU A 292 0.64 -2.50 -15.98
CA GLU A 292 -0.66 -3.00 -16.44
C GLU A 292 -0.64 -3.59 -17.85
N SER A 293 0.37 -3.28 -18.66
CA SER A 293 0.62 -3.93 -19.96
C SER A 293 0.99 -5.42 -19.85
N MET A 294 1.47 -5.90 -18.70
CA MET A 294 1.77 -7.32 -18.45
C MET A 294 0.54 -8.16 -18.09
N MET A 295 -0.64 -7.56 -17.89
CA MET A 295 -1.85 -8.26 -17.46
C MET A 295 -2.26 -9.41 -18.38
N ASN A 296 -2.26 -9.22 -19.70
CA ASN A 296 -2.64 -10.28 -20.62
C ASN A 296 -1.63 -11.43 -20.65
N ILE A 297 -0.33 -11.14 -20.63
CA ILE A 297 0.71 -12.18 -20.58
C ILE A 297 0.53 -13.03 -19.33
N TYR A 298 0.29 -12.42 -18.16
CA TYR A 298 0.05 -13.17 -16.93
C TYR A 298 -1.23 -14.00 -16.99
N LEU A 299 -2.36 -13.36 -17.30
CA LEU A 299 -3.66 -14.01 -17.25
C LEU A 299 -3.78 -15.13 -18.28
N ASP A 300 -3.18 -14.97 -19.46
CA ASP A 300 -3.16 -16.00 -20.48
C ASP A 300 -2.18 -17.13 -20.13
N ASN A 301 -0.93 -16.82 -19.80
CA ASN A 301 0.15 -17.82 -19.82
C ASN A 301 0.67 -18.26 -18.45
N PHE A 302 0.36 -17.55 -17.36
CA PHE A 302 0.88 -17.82 -16.01
C PHE A 302 -0.18 -18.09 -14.95
N GLU A 303 -1.38 -17.52 -15.06
CA GLU A 303 -2.36 -17.57 -13.97
C GLU A 303 -2.86 -18.99 -13.65
N ASN A 304 -3.32 -19.73 -14.66
CA ASN A 304 -3.81 -21.11 -14.50
C ASN A 304 -2.74 -22.19 -14.69
N TRP A 305 -1.55 -21.81 -15.13
CA TRP A 305 -0.39 -22.69 -15.23
C TRP A 305 0.02 -23.22 -13.84
N ASN A 306 0.60 -24.43 -13.80
CA ASN A 306 1.14 -25.06 -12.59
C ASN A 306 2.63 -24.73 -12.36
N SER A 307 3.15 -23.69 -13.02
CA SER A 307 4.46 -23.06 -12.78
C SER A 307 5.69 -23.96 -12.90
N SER A 308 5.64 -25.10 -13.60
CA SER A 308 6.83 -25.97 -13.75
C SER A 308 6.84 -26.77 -15.04
N ASP A 309 8.05 -27.05 -15.56
CA ASP A 309 8.29 -27.98 -16.66
C ASP A 309 8.86 -29.34 -16.18
N GLY A 310 9.00 -29.54 -14.87
CA GLY A 310 9.64 -30.71 -14.26
C GLY A 310 11.17 -30.64 -14.16
N ILE A 311 11.82 -29.64 -14.73
CA ILE A 311 13.25 -29.34 -14.55
C ILE A 311 13.42 -28.14 -13.61
N THR A 312 12.62 -27.10 -13.81
CA THR A 312 12.58 -25.88 -12.98
C THR A 312 11.14 -25.52 -12.61
N THR A 313 11.00 -24.65 -11.62
CA THR A 313 9.72 -24.13 -11.16
C THR A 313 9.81 -22.61 -11.04
N VAL A 314 8.82 -21.89 -11.54
CA VAL A 314 8.68 -20.44 -11.33
C VAL A 314 8.09 -20.20 -9.94
N THR A 315 8.91 -19.77 -8.99
CA THR A 315 8.51 -19.58 -7.59
C THR A 315 8.10 -18.15 -7.25
N GLY A 316 8.57 -17.15 -7.98
CA GLY A 316 8.27 -15.75 -7.73
C GLY A 316 8.13 -14.97 -9.03
N ILE A 317 7.24 -14.00 -9.07
CA ILE A 317 6.97 -13.19 -10.26
C ILE A 317 6.88 -11.71 -9.86
N GLU A 318 7.49 -10.83 -10.64
CA GLU A 318 7.41 -9.39 -10.49
C GLU A 318 7.17 -8.73 -11.86
N PHE A 319 5.90 -8.65 -12.23
CA PHE A 319 5.41 -7.99 -13.44
C PHE A 319 4.81 -6.60 -13.16
N GLY A 320 4.78 -6.12 -11.92
CA GLY A 320 4.15 -4.84 -11.57
C GLY A 320 2.61 -4.82 -11.55
N ILE A 321 1.95 -5.97 -11.48
CA ILE A 321 0.48 -6.12 -11.58
C ILE A 321 -0.22 -6.63 -10.32
N LYS A 322 0.46 -6.70 -9.16
CA LYS A 322 -0.11 -7.24 -7.91
C LYS A 322 -1.40 -6.51 -7.51
N HIS A 323 -1.39 -5.19 -7.46
CA HIS A 323 -2.57 -4.40 -7.10
C HIS A 323 -3.60 -4.33 -8.23
N SER A 324 -3.19 -4.45 -9.50
CA SER A 324 -4.11 -4.54 -10.64
C SER A 324 -4.95 -5.82 -10.61
N LEU A 325 -4.39 -6.97 -10.22
CA LEU A 325 -5.18 -8.20 -10.02
C LEU A 325 -6.06 -8.17 -8.77
N PHE A 326 -5.74 -7.32 -7.78
CA PHE A 326 -6.41 -7.39 -6.48
C PHE A 326 -7.92 -7.18 -6.57
N GLN A 327 -8.40 -6.20 -7.32
CA GLN A 327 -9.85 -5.97 -7.45
C GLN A 327 -10.56 -7.17 -8.10
N ASP A 328 -9.92 -7.84 -9.06
CA ASP A 328 -10.48 -9.03 -9.70
C ASP A 328 -10.64 -10.18 -8.72
N TYR A 329 -9.58 -10.51 -7.96
CA TYR A 329 -9.62 -11.60 -6.99
C TYR A 329 -10.51 -11.29 -5.79
N LEU A 330 -10.53 -10.06 -5.32
CA LEU A 330 -11.39 -9.56 -4.24
C LEU A 330 -12.87 -9.82 -4.54
N LEU A 331 -13.29 -9.56 -5.77
CA LEU A 331 -14.66 -9.78 -6.22
C LEU A 331 -14.92 -11.23 -6.58
N MET A 332 -13.99 -11.94 -7.23
CA MET A 332 -14.15 -13.38 -7.49
C MET A 332 -14.35 -14.20 -6.21
N ASP A 333 -13.64 -13.86 -5.13
CA ASP A 333 -13.71 -14.63 -3.90
C ASP A 333 -15.00 -14.40 -3.09
N THR A 334 -15.90 -13.52 -3.54
CA THR A 334 -17.26 -13.39 -2.98
C THR A 334 -18.13 -14.64 -3.16
N VAL A 335 -17.67 -15.63 -3.93
CA VAL A 335 -18.32 -16.94 -4.01
C VAL A 335 -18.22 -17.74 -2.71
N TYR A 336 -17.18 -17.56 -1.89
CA TYR A 336 -17.03 -18.30 -0.63
C TYR A 336 -18.01 -17.85 0.47
N PRO A 337 -18.26 -16.54 0.69
CA PRO A 337 -19.39 -16.09 1.51
C PRO A 337 -20.76 -16.58 1.03
N ALA A 338 -20.99 -16.68 -0.27
CA ALA A 338 -22.22 -17.22 -0.83
C ALA A 338 -22.45 -18.69 -0.48
N ILE A 339 -21.41 -19.52 -0.49
CA ILE A 339 -21.49 -20.91 -0.01
C ILE A 339 -21.70 -20.95 1.51
N ALA A 340 -21.09 -20.05 2.29
CA ALA A 340 -21.38 -19.94 3.72
C ALA A 340 -22.85 -19.58 4.00
N ILE A 341 -23.47 -18.69 3.21
CA ILE A 341 -24.90 -18.40 3.30
C ILE A 341 -25.73 -19.67 3.11
N ALA A 342 -25.44 -20.47 2.08
CA ALA A 342 -26.14 -21.72 1.83
C ALA A 342 -26.03 -22.71 3.00
N ILE A 343 -24.87 -22.85 3.62
CA ILE A 343 -24.68 -23.76 4.76
C ILE A 343 -25.38 -23.21 6.01
N VAL A 344 -25.34 -21.91 6.27
CA VAL A 344 -26.06 -21.30 7.39
C VAL A 344 -27.58 -21.40 7.22
N LEU A 345 -28.11 -21.29 6.00
CA LEU A 345 -29.51 -21.61 5.70
C LEU A 345 -29.83 -23.08 6.05
N LEU A 346 -29.00 -24.03 5.66
CA LEU A 346 -29.20 -25.45 5.94
C LEU A 346 -29.25 -25.74 7.45
N ILE A 347 -28.27 -25.25 8.22
CA ILE A 347 -28.24 -25.39 9.68
C ILE A 347 -29.50 -24.81 10.32
N MET A 348 -29.87 -23.59 9.93
CA MET A 348 -31.04 -22.91 10.47
C MET A 348 -32.36 -23.57 10.09
N CYS A 349 -32.48 -24.13 8.89
CA CYS A 349 -33.68 -24.81 8.46
C CYS A 349 -33.93 -26.09 9.26
N VAL A 350 -32.88 -26.89 9.51
CA VAL A 350 -32.97 -28.05 10.39
C VAL A 350 -33.28 -27.63 11.83
N TYR A 351 -32.66 -26.56 12.34
CA TYR A 351 -32.92 -26.09 13.70
C TYR A 351 -34.35 -25.56 13.90
N THR A 352 -34.80 -24.65 13.04
CA THR A 352 -36.13 -24.01 13.12
C THR A 352 -37.28 -24.90 12.65
N LYS A 353 -36.99 -26.00 11.93
CA LYS A 353 -37.97 -26.84 11.23
C LYS A 353 -38.86 -26.04 10.25
N SER A 354 -38.33 -24.96 9.67
CA SER A 354 -39.09 -24.05 8.82
C SER A 354 -38.21 -23.36 7.80
N MET A 355 -38.46 -23.62 6.52
CA MET A 355 -37.82 -22.93 5.42
C MET A 355 -38.31 -21.48 5.29
N PHE A 356 -39.56 -21.19 5.66
CA PHE A 356 -40.07 -19.81 5.68
C PHE A 356 -39.32 -18.94 6.68
N ILE A 357 -39.25 -19.34 7.96
CA ILE A 357 -38.54 -18.57 8.99
C ILE A 357 -37.06 -18.43 8.60
N THR A 358 -36.47 -19.50 8.07
CA THR A 358 -35.07 -19.51 7.63
C THR A 358 -34.76 -18.55 6.49
N LEU A 359 -35.49 -18.60 5.37
CA LEU A 359 -35.25 -17.69 4.24
C LEU A 359 -35.54 -16.24 4.58
N MET A 360 -36.61 -15.97 5.33
CA MET A 360 -36.94 -14.63 5.79
C MET A 360 -35.90 -14.07 6.76
N THR A 361 -35.26 -14.91 7.57
CA THR A 361 -34.15 -14.49 8.43
C THR A 361 -32.93 -14.12 7.59
N MET A 362 -32.57 -14.91 6.58
CA MET A 362 -31.42 -14.58 5.73
C MET A 362 -31.66 -13.32 4.88
N PHE A 363 -32.89 -13.08 4.41
CA PHE A 363 -33.24 -11.80 3.79
C PHE A 363 -32.93 -10.61 4.71
N ALA A 364 -33.28 -10.70 5.99
CA ALA A 364 -32.97 -9.65 6.97
C ALA A 364 -31.46 -9.46 7.18
N ILE A 365 -30.67 -10.54 7.19
CA ILE A 365 -29.22 -10.45 7.33
C ILE A 365 -28.60 -9.70 6.17
N ILE A 366 -28.94 -10.04 4.93
CA ILE A 366 -28.38 -9.36 3.76
C ILE A 366 -28.88 -7.92 3.69
N SER A 367 -30.14 -7.68 4.03
CA SER A 367 -30.72 -6.34 4.09
C SER A 367 -30.04 -5.42 5.08
N SER A 368 -29.52 -5.93 6.19
CA SER A 368 -28.79 -5.12 7.17
C SER A 368 -27.53 -4.47 6.58
N LEU A 369 -26.86 -5.14 5.65
CA LEU A 369 -25.67 -4.65 4.95
C LEU A 369 -26.01 -3.62 3.87
N ILE A 370 -27.13 -3.79 3.17
CA ILE A 370 -27.70 -2.82 2.20
C ILE A 370 -28.11 -1.53 2.89
N VAL A 371 -28.87 -1.63 3.98
CA VAL A 371 -29.35 -0.48 4.73
C VAL A 371 -28.19 0.27 5.38
N SER A 372 -27.19 -0.43 5.86
CA SER A 372 -25.98 0.22 6.38
C SER A 372 -25.18 0.91 5.31
N TYR A 373 -25.14 0.42 4.08
CA TYR A 373 -24.45 1.09 2.99
C TYR A 373 -25.13 2.41 2.63
N PHE A 374 -26.46 2.43 2.58
CA PHE A 374 -27.23 3.65 2.48
C PHE A 374 -26.94 4.63 3.63
N LEU A 375 -27.01 4.20 4.89
CA LEU A 375 -26.69 5.08 6.02
C LEU A 375 -25.27 5.63 5.93
N TYR A 376 -24.28 4.78 5.65
CA TYR A 376 -22.87 5.11 5.55
C TYR A 376 -22.56 6.11 4.43
N ARG A 377 -23.02 5.89 3.20
CA ARG A 377 -22.70 6.84 2.14
C ARG A 377 -23.64 8.05 2.00
N VAL A 378 -24.90 7.86 2.36
CA VAL A 378 -25.92 8.88 2.05
C VAL A 378 -26.32 9.70 3.27
N VAL A 379 -26.36 9.11 4.46
CA VAL A 379 -26.72 9.83 5.69
C VAL A 379 -25.47 10.33 6.42
N PHE A 380 -24.51 9.46 6.74
CA PHE A 380 -23.25 9.82 7.38
C PHE A 380 -22.25 10.45 6.39
N ASN A 381 -22.49 10.33 5.09
CA ASN A 381 -21.71 10.94 4.01
C ASN A 381 -20.22 10.57 4.01
N PHE A 382 -19.89 9.29 4.22
CA PHE A 382 -18.55 8.77 3.97
C PHE A 382 -18.30 8.73 2.46
N GLU A 383 -17.26 9.42 2.00
CA GLU A 383 -16.85 9.48 0.59
C GLU A 383 -15.95 8.32 0.17
N PHE A 384 -15.52 7.48 1.13
CA PHE A 384 -14.56 6.38 0.95
C PHE A 384 -15.11 5.07 1.53
N PHE A 385 -14.95 3.98 0.78
CA PHE A 385 -15.31 2.63 1.20
C PHE A 385 -14.05 1.74 1.07
N PRO A 386 -13.37 1.41 2.18
CA PRO A 386 -12.20 0.53 2.17
C PRO A 386 -12.53 -0.85 1.61
N PHE A 387 -11.57 -1.57 1.02
CA PHE A 387 -11.84 -2.94 0.58
C PHE A 387 -12.20 -3.86 1.74
N MET A 388 -11.65 -3.62 2.95
N MET A 388 -11.90 -3.62 3.17
CA MET A 388 -11.96 -4.47 4.10
CA MET A 388 -12.08 -4.48 4.31
C MET A 388 -13.38 -4.30 4.65
C MET A 388 -13.45 -4.30 4.84
N ASN A 389 -14.16 -3.31 4.17
CA ASN A 389 -15.60 -3.28 4.38
C ASN A 389 -16.33 -4.46 3.73
N LEU A 390 -15.83 -5.04 2.63
CA LEU A 390 -16.40 -6.25 2.04
C LEU A 390 -16.31 -7.47 2.97
N THR A 391 -15.41 -7.45 3.95
CA THR A 391 -15.32 -8.52 4.95
C THR A 391 -16.49 -8.54 5.94
N ALA A 392 -17.25 -7.45 6.07
CA ALA A 392 -18.45 -7.39 6.89
C ALA A 392 -19.54 -8.38 6.47
N LEU A 393 -19.58 -8.79 5.20
CA LEU A 393 -20.47 -9.84 4.73
C LEU A 393 -20.21 -11.15 5.46
N ILE A 394 -18.95 -11.54 5.64
CA ILE A 394 -18.55 -12.79 6.31
C ILE A 394 -18.96 -12.75 7.79
N ILE A 395 -18.68 -11.63 8.46
CA ILE A 395 -19.06 -11.37 9.85
C ILE A 395 -20.58 -11.47 10.02
N LEU A 396 -21.37 -10.74 9.23
CA LEU A 396 -22.83 -10.74 9.32
C LEU A 396 -23.44 -12.11 8.99
N VAL A 397 -22.92 -12.85 8.03
CA VAL A 397 -23.38 -14.22 7.76
C VAL A 397 -23.12 -15.14 8.96
N GLY A 398 -21.92 -15.08 9.54
CA GLY A 398 -21.60 -15.89 10.71
C GLY A 398 -22.43 -15.53 11.93
N ILE A 399 -22.44 -14.27 12.34
CA ILE A 399 -23.04 -13.86 13.61
C ILE A 399 -24.50 -13.40 13.50
N GLY A 400 -25.00 -13.01 12.33
CA GLY A 400 -26.36 -12.47 12.17
C GLY A 400 -27.45 -13.43 12.61
N ALA A 401 -27.23 -14.73 12.36
CA ALA A 401 -28.12 -15.81 12.76
C ALA A 401 -28.36 -15.92 14.28
N ASP A 402 -27.51 -15.33 15.11
CA ASP A 402 -27.38 -15.73 16.50
C ASP A 402 -28.46 -15.20 17.45
N ASP A 403 -29.33 -14.33 16.94
CA ASP A 403 -30.57 -13.89 17.58
C ASP A 403 -31.78 -14.70 17.15
N ALA A 404 -31.83 -15.18 15.90
CA ALA A 404 -32.91 -16.02 15.44
C ALA A 404 -33.03 -17.31 16.24
N PHE A 405 -31.91 -17.99 16.54
CA PHE A 405 -31.91 -19.18 17.40
C PHE A 405 -32.46 -18.90 18.80
N VAL A 406 -32.13 -17.77 19.39
CA VAL A 406 -32.58 -17.38 20.73
C VAL A 406 -34.07 -17.05 20.73
N LEU A 407 -34.53 -16.21 19.82
CA LEU A 407 -35.93 -15.83 19.76
C LEU A 407 -36.84 -17.04 19.44
N CYS A 408 -36.42 -17.95 18.57
CA CYS A 408 -37.17 -19.17 18.30
C CYS A 408 -37.26 -20.10 19.51
N ASP A 409 -36.18 -20.27 20.28
CA ASP A 409 -36.22 -21.03 21.52
C ASP A 409 -37.17 -20.40 22.54
N VAL A 410 -37.06 -19.10 22.77
CA VAL A 410 -37.94 -18.39 23.71
C VAL A 410 -39.39 -18.44 23.27
N TRP A 411 -39.67 -18.39 21.96
CA TRP A 411 -41.01 -18.56 21.43
C TRP A 411 -41.55 -19.95 21.74
N ASN A 412 -40.78 -21.00 21.46
CA ASN A 412 -41.18 -22.38 21.74
C ASN A 412 -41.38 -22.64 23.25
N TYR A 413 -40.51 -22.12 24.12
CA TYR A 413 -40.72 -22.15 25.56
C TYR A 413 -42.02 -21.42 25.94
N THR A 414 -42.29 -20.23 25.39
CA THR A 414 -43.50 -19.48 25.69
C THR A 414 -44.77 -20.22 25.25
N LYS A 415 -44.79 -20.84 24.06
CA LYS A 415 -45.92 -21.65 23.58
C LYS A 415 -46.15 -22.90 24.46
N PHE A 416 -45.08 -23.54 24.92
CA PHE A 416 -45.16 -24.68 25.84
C PHE A 416 -45.63 -24.27 27.25
N ASP A 417 -45.10 -23.18 27.81
CA ASP A 417 -45.42 -22.72 29.17
C ASP A 417 -46.87 -22.24 29.32
N LYS A 418 -47.43 -21.57 28.29
CA LYS A 418 -48.76 -20.95 28.34
C LYS A 418 -49.62 -21.29 27.10
N PRO A 419 -50.11 -22.53 26.94
CA PRO A 419 -50.76 -22.96 25.69
C PRO A 419 -52.04 -22.18 25.32
N ARG A 420 -52.77 -21.69 26.33
CA ARG A 420 -54.02 -20.92 26.16
C ARG A 420 -53.81 -19.45 25.75
N ALA A 421 -52.57 -18.94 25.77
CA ALA A 421 -52.25 -17.53 25.60
C ALA A 421 -52.72 -16.96 24.25
N GLU A 422 -53.15 -15.70 24.23
CA GLU A 422 -53.37 -14.94 23.00
C GLU A 422 -52.03 -14.74 22.24
N THR A 423 -52.06 -14.54 20.92
CA THR A 423 -50.83 -14.23 20.17
C THR A 423 -50.14 -12.97 20.69
N SER A 424 -50.90 -11.94 21.10
CA SER A 424 -50.37 -10.74 21.74
C SER A 424 -49.65 -11.03 23.06
N GLU A 425 -50.14 -11.99 23.86
CA GLU A 425 -49.48 -12.42 25.08
C GLU A 425 -48.22 -13.22 24.77
N ALA A 426 -48.28 -14.16 23.83
CA ALA A 426 -47.12 -14.94 23.42
C ALA A 426 -45.99 -14.05 22.87
N VAL A 427 -46.31 -13.05 22.05
CA VAL A 427 -45.35 -12.05 21.57
C VAL A 427 -44.81 -11.22 22.73
N SER A 428 -45.67 -10.69 23.59
CA SER A 428 -45.25 -9.85 24.72
C SER A 428 -44.30 -10.59 25.66
N VAL A 429 -44.67 -11.79 26.09
CA VAL A 429 -43.84 -12.63 26.97
C VAL A 429 -42.54 -13.03 26.29
N THR A 430 -42.57 -13.39 25.00
CA THR A 430 -41.36 -13.69 24.25
C THR A 430 -40.42 -12.49 24.16
N LEU A 431 -40.91 -11.30 23.86
CA LEU A 431 -40.08 -10.09 23.79
C LEU A 431 -39.54 -9.68 25.15
N GLN A 432 -40.31 -9.81 26.25
CA GLN A 432 -39.77 -9.60 27.60
C GLN A 432 -38.59 -10.52 27.88
N HIS A 433 -38.69 -11.82 27.55
CA HIS A 433 -37.63 -12.79 27.80
C HIS A 433 -36.42 -12.70 26.85
N ALA A 434 -36.61 -12.34 25.58
CA ALA A 434 -35.55 -12.32 24.58
C ALA A 434 -34.90 -10.95 24.31
N ALA A 435 -35.67 -9.87 24.20
CA ALA A 435 -35.25 -8.64 23.49
C ALA A 435 -34.00 -7.97 24.07
N LEU A 436 -33.84 -7.93 25.39
CA LEU A 436 -32.68 -7.34 26.05
C LEU A 436 -31.40 -8.18 25.87
N SER A 437 -31.49 -9.50 26.05
CA SER A 437 -30.35 -10.39 25.85
C SER A 437 -29.84 -10.34 24.42
N MET A 438 -30.75 -10.35 23.45
CA MET A 438 -30.43 -10.18 22.04
C MET A 438 -29.77 -8.82 21.74
N PHE A 439 -30.20 -7.77 22.41
CA PHE A 439 -29.60 -6.44 22.29
C PHE A 439 -28.18 -6.45 22.80
N VAL A 440 -27.94 -6.88 24.03
CA VAL A 440 -26.63 -6.86 24.70
C VAL A 440 -25.58 -7.63 23.90
N THR A 441 -25.87 -8.83 23.41
CA THR A 441 -24.90 -9.56 22.60
C THR A 441 -24.59 -8.84 21.30
N SER A 442 -25.57 -8.15 20.70
CA SER A 442 -25.42 -7.33 19.52
C SER A 442 -24.62 -6.05 19.79
N PHE A 443 -25.05 -5.24 20.76
CA PHE A 443 -24.48 -3.96 21.13
C PHE A 443 -23.04 -4.09 21.61
N THR A 444 -22.68 -5.10 22.38
CA THR A 444 -21.28 -5.38 22.74
C THR A 444 -20.37 -5.55 21.54
N THR A 445 -20.89 -6.06 20.44
CA THR A 445 -20.09 -6.31 19.26
C THR A 445 -20.08 -5.09 18.32
N ALA A 446 -21.19 -4.37 18.19
CA ALA A 446 -21.23 -3.09 17.51
C ALA A 446 -20.31 -2.06 18.18
N ALA A 447 -20.37 -1.91 19.49
CA ALA A 447 -19.52 -1.03 20.28
C ALA A 447 -18.03 -1.36 20.13
N ALA A 448 -17.66 -2.64 20.05
CA ALA A 448 -16.28 -3.04 19.78
C ALA A 448 -15.81 -2.66 18.37
N PHE A 449 -16.68 -2.69 17.36
CA PHE A 449 -16.39 -2.12 16.03
C PHE A 449 -16.31 -0.60 16.06
N TYR A 450 -17.31 0.09 16.62
CA TYR A 450 -17.29 1.55 16.74
C TYR A 450 -16.13 2.09 17.57
N ALA A 451 -15.62 1.36 18.55
CA ALA A 451 -14.42 1.76 19.31
C ALA A 451 -13.20 1.97 18.41
N ASN A 452 -13.12 1.32 17.24
CA ASN A 452 -12.06 1.55 16.25
C ASN A 452 -12.14 2.91 15.53
N TYR A 453 -13.22 3.67 15.69
CA TYR A 453 -13.32 5.06 15.22
C TYR A 453 -12.37 6.03 15.95
N VAL A 454 -11.77 5.64 17.08
CA VAL A 454 -10.67 6.39 17.73
C VAL A 454 -9.30 6.24 17.05
N SER A 455 -9.14 5.29 16.12
CA SER A 455 -7.87 5.10 15.40
C SER A 455 -7.52 6.34 14.59
N ASN A 456 -6.23 6.65 14.41
CA ASN A 456 -5.82 7.69 13.46
C ASN A 456 -5.88 7.22 12.00
N ILE A 457 -5.92 5.91 11.75
CA ILE A 457 -5.80 5.33 10.42
C ILE A 457 -7.15 5.33 9.73
N THR A 458 -7.28 6.04 8.61
CA THR A 458 -8.55 6.29 7.91
C THR A 458 -9.34 5.02 7.61
N ALA A 459 -8.72 3.97 7.09
CA ALA A 459 -9.40 2.72 6.75
C ALA A 459 -9.93 1.95 7.97
N ILE A 460 -9.27 2.03 9.13
CA ILE A 460 -9.73 1.41 10.37
C ILE A 460 -10.98 2.11 10.90
N ARG A 461 -11.02 3.44 10.86
CA ARG A 461 -12.19 4.24 11.28
C ARG A 461 -13.41 3.97 10.42
N CYS A 462 -13.22 3.89 9.11
CA CYS A 462 -14.26 3.61 8.13
C CYS A 462 -14.87 2.20 8.27
N PHE A 463 -14.03 1.18 8.47
CA PHE A 463 -14.49 -0.18 8.69
C PHE A 463 -15.26 -0.35 10.00
N GLY A 464 -14.82 0.31 11.08
CA GLY A 464 -15.55 0.32 12.36
C GLY A 464 -16.97 0.85 12.24
N VAL A 465 -17.17 1.98 11.55
CA VAL A 465 -18.50 2.59 11.38
C VAL A 465 -19.41 1.73 10.53
N TYR A 466 -18.94 1.18 9.41
CA TYR A 466 -19.77 0.34 8.56
C TYR A 466 -20.21 -0.96 9.25
N ALA A 467 -19.28 -1.71 9.83
CA ALA A 467 -19.57 -2.97 10.48
C ALA A 467 -20.37 -2.80 11.78
N GLY A 468 -20.10 -1.76 12.58
CA GLY A 468 -20.90 -1.43 13.76
C GLY A 468 -22.36 -1.14 13.41
N THR A 469 -22.59 -0.45 12.30
CA THR A 469 -23.92 -0.09 11.83
C THR A 469 -24.70 -1.28 11.33
N ALA A 470 -24.10 -2.19 10.55
CA ALA A 470 -24.77 -3.41 10.13
C ALA A 470 -25.22 -4.30 11.30
N ILE A 471 -24.42 -4.38 12.36
CA ILE A 471 -24.77 -5.15 13.55
C ILE A 471 -26.00 -4.56 14.25
N LEU A 472 -26.12 -3.24 14.36
CA LEU A 472 -27.27 -2.58 14.96
C LEU A 472 -28.51 -2.63 14.09
N VAL A 473 -28.38 -2.42 12.78
CA VAL A 473 -29.49 -2.58 11.83
C VAL A 473 -30.02 -4.01 11.86
N ASN A 474 -29.14 -5.01 11.94
CA ASN A 474 -29.57 -6.39 12.06
C ASN A 474 -30.36 -6.63 13.34
N TYR A 475 -29.98 -6.05 14.48
CA TYR A 475 -30.76 -6.18 15.72
C TYR A 475 -32.16 -5.63 15.57
N VAL A 476 -32.32 -4.43 15.01
CA VAL A 476 -33.65 -3.84 14.77
C VAL A 476 -34.55 -4.78 13.97
N LEU A 477 -34.03 -5.43 12.93
CA LEU A 477 -34.76 -6.43 12.16
C LEU A 477 -35.08 -7.69 12.97
N MET A 478 -34.21 -8.16 13.85
CA MET A 478 -34.49 -9.30 14.73
C MET A 478 -35.62 -9.08 15.73
N VAL A 479 -36.00 -7.85 16.03
CA VAL A 479 -37.12 -7.53 16.95
C VAL A 479 -38.33 -6.89 16.27
N THR A 480 -38.32 -6.72 14.95
CA THR A 480 -39.44 -6.20 14.16
C THR A 480 -39.88 -7.19 13.09
N TRP A 481 -39.03 -7.43 12.09
CA TRP A 481 -39.21 -8.38 11.00
C TRP A 481 -39.38 -9.81 11.50
N LEU A 482 -38.47 -10.30 12.34
CA LEU A 482 -38.50 -11.71 12.74
C LEU A 482 -39.72 -12.09 13.61
N PRO A 483 -40.17 -11.32 14.61
CA PRO A 483 -41.41 -11.59 15.30
C PRO A 483 -42.64 -11.60 14.37
N ALA A 484 -42.75 -10.66 13.42
CA ALA A 484 -43.82 -10.66 12.44
C ALA A 484 -43.82 -11.90 11.54
N VAL A 485 -42.65 -12.35 11.10
CA VAL A 485 -42.44 -13.62 10.37
C VAL A 485 -42.88 -14.82 11.19
N ILE A 486 -42.52 -14.88 12.48
CA ILE A 486 -42.91 -15.98 13.37
C ILE A 486 -44.43 -16.03 13.54
N VAL A 487 -45.09 -14.88 13.72
CA VAL A 487 -46.56 -14.81 13.80
C VAL A 487 -47.22 -15.27 12.50
N LEU A 488 -46.72 -14.88 11.33
CA LEU A 488 -47.28 -15.34 10.05
C LEU A 488 -47.09 -16.85 9.83
N HIS A 489 -45.96 -17.42 10.24
CA HIS A 489 -45.74 -18.86 10.19
C HIS A 489 -46.78 -19.61 11.02
N GLU A 490 -47.02 -19.17 12.25
CA GLU A 490 -48.02 -19.75 13.16
C GLU A 490 -49.44 -19.62 12.62
N ARG A 491 -49.79 -18.47 12.04
CA ARG A 491 -51.16 -18.23 11.61
C ARG A 491 -51.52 -18.98 10.35
N TYR A 492 -50.65 -18.95 9.34
CA TYR A 492 -50.97 -19.53 8.02
C TYR A 492 -50.19 -20.80 7.70
N LEU A 493 -48.87 -20.77 7.77
CA LEU A 493 -48.03 -21.81 7.18
C LEU A 493 -47.95 -23.11 8.00
N LEU A 494 -48.42 -23.11 9.26
CA LEU A 494 -48.78 -24.34 9.97
C LEU A 494 -50.06 -25.03 9.43
N ASN A 495 -50.64 -24.54 8.34
CA ASN A 495 -51.60 -25.26 7.51
C ASN A 495 -51.00 -25.66 6.15
N ILE A 496 -50.25 -24.74 5.52
CA ILE A 496 -49.77 -24.85 4.14
C ILE A 496 -48.44 -25.63 4.05
N PHE A 497 -48.45 -26.89 4.51
CA PHE A 497 -47.32 -27.83 4.38
C PHE A 497 -47.13 -28.35 2.94
N CYS A 512 -40.33 -38.10 -5.07
CA CYS A 512 -39.61 -38.02 -3.79
C CYS A 512 -40.55 -37.88 -2.57
N TRP A 513 -41.82 -37.56 -2.78
CA TRP A 513 -42.82 -37.32 -1.73
C TRP A 513 -43.13 -38.55 -0.85
N ALA A 514 -42.99 -39.76 -1.41
CA ALA A 514 -43.37 -41.00 -0.73
C ALA A 514 -42.48 -41.36 0.47
N VAL A 515 -41.19 -41.02 0.40
CA VAL A 515 -40.20 -41.36 1.44
C VAL A 515 -40.05 -40.31 2.54
N LEU A 516 -40.79 -39.20 2.51
CA LEU A 516 -40.64 -38.10 3.49
C LEU A 516 -40.89 -38.54 4.93
N CYS A 517 -41.90 -39.39 5.17
CA CYS A 517 -42.15 -39.97 6.50
C CYS A 517 -41.17 -41.12 6.85
N GLN A 518 -40.81 -41.93 5.85
CA GLN A 518 -39.86 -43.05 5.99
C GLN A 518 -38.43 -42.60 6.35
N LYS A 519 -38.00 -41.46 5.79
CA LYS A 519 -36.65 -40.91 5.92
C LYS A 519 -36.67 -39.55 6.61
N CYS A 520 -37.02 -38.47 5.90
CA CYS A 520 -36.83 -37.09 6.34
C CYS A 520 -37.38 -36.81 7.74
N ARG A 521 -38.69 -36.95 7.98
CA ARG A 521 -39.33 -36.64 9.26
C ARG A 521 -38.81 -37.50 10.42
N ARG A 522 -38.47 -38.76 10.13
CA ARG A 522 -37.90 -39.67 11.13
C ARG A 522 -36.49 -39.20 11.52
N VAL A 523 -35.66 -38.92 10.52
CA VAL A 523 -34.30 -38.40 10.74
C VAL A 523 -34.33 -37.08 11.52
N LEU A 524 -35.22 -36.15 11.17
CA LEU A 524 -35.40 -34.91 11.93
C LEU A 524 -35.79 -35.17 13.39
N PHE A 525 -36.67 -36.14 13.65
CA PHE A 525 -37.03 -36.54 15.01
C PHE A 525 -35.84 -37.16 15.76
N ALA A 526 -35.11 -38.07 15.12
CA ALA A 526 -33.91 -38.68 15.71
C ALA A 526 -32.85 -37.63 16.07
N VAL A 527 -32.54 -36.71 15.14
CA VAL A 527 -31.64 -35.58 15.37
C VAL A 527 -32.14 -34.73 16.53
N SER A 528 -33.42 -34.39 16.55
CA SER A 528 -34.01 -33.58 17.62
C SER A 528 -33.78 -34.20 18.98
N GLU A 529 -34.22 -35.44 19.19
CA GLU A 529 -34.16 -36.05 20.52
C GLU A 529 -32.75 -36.46 20.93
N ALA A 530 -31.89 -36.85 19.99
CA ALA A 530 -30.47 -37.08 20.29
C ALA A 530 -29.79 -35.80 20.78
N SER A 531 -30.01 -34.68 20.09
CA SER A 531 -29.48 -33.38 20.48
C SER A 531 -30.03 -32.92 21.81
N ARG A 532 -31.35 -33.07 21.98
CA ARG A 532 -32.02 -32.65 23.21
C ARG A 532 -31.54 -33.44 24.40
N ILE A 533 -31.40 -34.75 24.28
CA ILE A 533 -30.82 -35.57 25.36
C ILE A 533 -29.36 -35.18 25.66
N PHE A 534 -28.57 -34.79 24.67
CA PHE A 534 -27.23 -34.26 24.92
C PHE A 534 -27.26 -32.99 25.78
N PHE A 535 -28.02 -31.98 25.38
CA PHE A 535 -28.07 -30.71 26.11
C PHE A 535 -28.80 -30.81 27.46
N GLU A 536 -29.75 -31.73 27.63
CA GLU A 536 -30.42 -31.97 28.92
C GLU A 536 -29.63 -32.85 29.89
N LYS A 537 -28.99 -33.93 29.42
CA LYS A 537 -28.42 -34.98 30.28
C LYS A 537 -26.90 -35.08 30.20
N VAL A 538 -26.36 -35.21 29.00
CA VAL A 538 -24.93 -35.49 28.79
C VAL A 538 -24.07 -34.28 29.13
N LEU A 539 -24.34 -33.10 28.56
CA LEU A 539 -23.51 -31.93 28.76
C LEU A 539 -23.48 -31.47 30.24
N PRO A 540 -24.61 -31.37 30.96
CA PRO A 540 -24.56 -31.02 32.39
C PRO A 540 -23.78 -32.02 33.24
N CYS A 541 -23.86 -33.32 32.94
CA CYS A 541 -23.07 -34.35 33.60
C CYS A 541 -21.56 -34.10 33.44
N ILE A 542 -21.09 -33.87 32.21
CA ILE A 542 -19.67 -33.67 31.91
C ILE A 542 -19.12 -32.37 32.49
N VAL A 543 -19.89 -31.28 32.44
CA VAL A 543 -19.49 -30.01 33.07
C VAL A 543 -19.36 -30.18 34.58
N ILE A 544 -20.34 -30.79 35.24
CA ILE A 544 -20.41 -30.85 36.72
C ILE A 544 -19.47 -31.91 37.31
N LYS A 545 -19.39 -33.11 36.72
CA LYS A 545 -18.59 -34.22 37.23
C LYS A 545 -17.09 -33.92 37.22
N PHE A 546 -16.61 -33.25 36.16
CA PHE A 546 -15.19 -32.96 35.97
C PHE A 546 -14.82 -31.50 36.26
N ARG A 547 -15.65 -30.79 37.04
CA ARG A 547 -15.43 -29.35 37.29
C ARG A 547 -14.06 -28.96 37.83
N TYR A 548 -13.43 -29.80 38.63
CA TYR A 548 -12.06 -29.54 39.11
C TYR A 548 -11.01 -29.68 38.01
N LEU A 549 -11.17 -30.64 37.08
CA LEU A 549 -10.34 -30.75 35.89
C LEU A 549 -10.53 -29.51 35.00
N TRP A 550 -11.77 -29.05 34.77
CA TRP A 550 -12.01 -27.86 33.98
C TRP A 550 -11.43 -26.60 34.60
N LEU A 551 -11.62 -26.36 35.90
CA LEU A 551 -11.05 -25.18 36.55
C LEU A 551 -9.52 -25.15 36.41
N ILE A 552 -8.82 -26.26 36.69
CA ILE A 552 -7.37 -26.35 36.52
C ILE A 552 -6.95 -26.13 35.06
N TRP A 553 -7.61 -26.78 34.11
CA TRP A 553 -7.28 -26.69 32.69
C TRP A 553 -7.45 -25.28 32.11
N PHE A 554 -8.61 -24.65 32.28
CA PHE A 554 -8.87 -23.34 31.70
C PHE A 554 -8.10 -22.22 32.41
N LEU A 555 -7.73 -22.37 33.69
CA LEU A 555 -6.76 -21.48 34.35
C LEU A 555 -5.35 -21.65 33.78
N ALA A 556 -4.86 -22.89 33.59
CA ALA A 556 -3.55 -23.12 32.99
C ALA A 556 -3.44 -22.60 31.55
N LEU A 557 -4.47 -22.76 30.72
CA LEU A 557 -4.54 -22.14 29.39
C LEU A 557 -4.52 -20.61 29.46
N THR A 558 -5.24 -20.01 30.41
CA THR A 558 -5.28 -18.55 30.59
C THR A 558 -3.88 -18.01 30.91
N VAL A 559 -3.15 -18.65 31.81
CA VAL A 559 -1.76 -18.27 32.16
C VAL A 559 -0.80 -18.49 30.98
N GLY A 560 -0.94 -19.59 30.23
CA GLY A 560 -0.14 -19.82 29.02
C GLY A 560 -0.36 -18.74 27.95
N GLY A 561 -1.62 -18.40 27.66
CA GLY A 561 -1.96 -17.33 26.73
C GLY A 561 -1.48 -15.95 27.19
N ALA A 562 -1.64 -15.64 28.48
CA ALA A 562 -1.14 -14.39 29.07
C ALA A 562 0.38 -14.28 28.98
N TYR A 563 1.14 -15.35 29.23
CA TYR A 563 2.58 -15.36 29.02
C TYR A 563 2.96 -15.13 27.56
N ILE A 564 2.28 -15.76 26.60
CA ILE A 564 2.57 -15.61 25.16
C ILE A 564 2.30 -14.19 24.63
N VAL A 565 1.31 -13.46 25.15
CA VAL A 565 1.02 -12.10 24.69
C VAL A 565 1.71 -11.01 25.53
N CYS A 566 1.88 -11.21 26.85
CA CYS A 566 2.46 -10.21 27.75
C CYS A 566 3.96 -10.38 28.05
N VAL A 567 4.57 -11.55 27.80
CA VAL A 567 5.95 -11.86 28.26
C VAL A 567 6.85 -12.29 27.11
N ASN A 568 6.84 -13.55 26.70
CA ASN A 568 7.63 -14.05 25.57
C ASN A 568 6.82 -15.07 24.73
N PRO A 569 6.79 -14.94 23.40
CA PRO A 569 7.15 -13.75 22.62
C PRO A 569 6.18 -12.61 22.98
N LYS A 570 5.94 -11.67 22.08
CA LYS A 570 4.81 -10.73 22.14
C LYS A 570 4.22 -10.62 20.74
N MET A 571 3.04 -10.03 20.58
CA MET A 571 2.65 -9.62 19.23
C MET A 571 3.53 -8.46 18.77
N LYS A 572 4.22 -8.60 17.62
CA LYS A 572 5.10 -7.58 17.05
C LYS A 572 4.35 -6.60 16.16
N LEU A 573 4.84 -5.37 16.03
CA LEU A 573 4.40 -4.42 15.01
C LEU A 573 4.80 -4.87 13.60
N PRO A 574 4.18 -4.36 12.52
CA PRO A 574 4.47 -4.77 11.16
C PRO A 574 5.96 -4.63 10.80
N SER A 575 6.44 -5.63 10.06
CA SER A 575 7.85 -5.86 9.77
C SER A 575 8.26 -5.51 8.33
N LEU A 576 7.36 -5.65 7.35
CA LEU A 576 7.53 -5.14 5.99
C LEU A 576 7.16 -3.65 5.92
N GLU A 577 7.76 -2.91 5.00
CA GLU A 577 7.35 -1.53 4.70
C GLU A 577 6.04 -1.49 3.88
N LEU A 578 5.28 -0.39 3.96
CA LEU A 578 3.89 -0.34 3.46
C LEU A 578 3.70 -0.77 2.00
N SER A 579 4.57 -0.36 1.07
CA SER A 579 4.45 -0.76 -0.34
C SER A 579 4.65 -2.27 -0.59
N GLU A 580 5.23 -3.00 0.36
CA GLU A 580 5.43 -4.45 0.30
C GLU A 580 4.30 -5.22 1.03
N PHE A 581 3.28 -4.55 1.56
CA PHE A 581 2.20 -5.20 2.30
C PHE A 581 1.51 -6.31 1.51
N GLN A 582 1.31 -7.44 2.20
CA GLN A 582 0.75 -8.60 1.55
C GLN A 582 -0.71 -8.35 1.32
N VAL A 583 -1.25 -8.85 0.22
CA VAL A 583 -2.68 -8.76 -0.05
C VAL A 583 -3.21 -10.10 -0.59
N PHE A 584 -2.38 -11.15 -0.62
CA PHE A 584 -2.78 -12.44 -1.16
C PHE A 584 -2.16 -13.50 -0.28
N ARG A 585 -2.62 -14.73 -0.41
CA ARG A 585 -2.02 -15.83 0.32
C ARG A 585 -0.52 -15.84 0.12
N SER A 586 0.23 -16.23 1.14
CA SER A 586 1.69 -16.20 1.07
C SER A 586 2.30 -17.08 -0.02
N SER A 587 1.56 -18.08 -0.50
CA SER A 587 2.06 -18.98 -1.53
C SER A 587 2.00 -18.37 -2.93
N HIS A 588 1.25 -17.30 -3.10
CA HIS A 588 1.15 -16.65 -4.41
C HIS A 588 2.55 -16.19 -4.86
N PRO A 589 2.93 -16.39 -6.15
CA PRO A 589 4.26 -15.94 -6.56
C PRO A 589 4.54 -14.47 -6.30
N PHE A 590 3.53 -13.62 -6.42
CA PHE A 590 3.72 -12.19 -6.21
C PHE A 590 4.13 -11.92 -4.77
N GLU A 591 3.56 -12.66 -3.84
CA GLU A 591 3.86 -12.48 -2.42
C GLU A 591 5.19 -13.13 -2.10
N ARG A 592 5.43 -14.31 -2.65
CA ARG A 592 6.70 -14.97 -2.45
C ARG A 592 7.81 -14.09 -2.97
N TYR A 593 7.55 -13.30 -4.00
CA TYR A 593 8.57 -12.38 -4.46
C TYR A 593 8.88 -11.36 -3.38
N ASP A 594 7.91 -10.56 -2.98
CA ASP A 594 8.18 -9.49 -2.02
C ASP A 594 8.66 -9.93 -0.64
N ALA A 595 8.23 -11.09 -0.15
CA ALA A 595 8.57 -11.54 1.21
C ALA A 595 9.68 -12.57 1.36
N GLU A 596 10.08 -13.25 0.27
CA GLU A 596 11.10 -14.30 0.30
C GLU A 596 12.27 -14.01 -0.64
N PHE A 597 12.04 -13.61 -1.90
CA PHE A 597 13.13 -13.46 -2.88
C PHE A 597 13.74 -12.07 -2.93
N LYS A 598 13.00 -10.99 -2.68
CA LYS A 598 13.49 -9.61 -2.72
C LYS A 598 14.67 -9.34 -1.75
N LYS A 599 14.84 -10.15 -0.69
CA LYS A 599 16.02 -10.09 0.21
C LYS A 599 17.24 -10.91 -0.25
N LEU A 600 17.11 -11.79 -1.25
CA LEU A 600 18.13 -12.75 -1.68
C LEU A 600 18.95 -12.35 -2.91
N PHE A 601 18.68 -11.22 -3.55
CA PHE A 601 19.39 -10.78 -4.76
C PHE A 601 19.96 -9.38 -4.54
N MET A 602 21.23 -9.17 -4.93
CA MET A 602 21.98 -7.99 -4.46
C MET A 602 21.34 -6.67 -4.90
N PHE A 603 20.86 -6.57 -6.14
CA PHE A 603 20.22 -5.36 -6.65
C PHE A 603 18.95 -4.94 -5.88
N GLU A 604 18.23 -5.88 -5.28
CA GLU A 604 17.04 -5.59 -4.47
C GLU A 604 17.42 -5.23 -3.03
N ARG A 605 18.48 -5.84 -2.49
CA ARG A 605 18.94 -5.51 -1.15
C ARG A 605 19.38 -4.04 -1.10
N VAL A 606 20.20 -3.63 -2.07
CA VAL A 606 20.64 -2.23 -2.16
C VAL A 606 19.46 -1.26 -2.17
N HIS A 607 18.37 -1.59 -2.88
CA HIS A 607 17.20 -0.70 -3.01
C HIS A 607 16.45 -0.46 -1.70
N HIS A 608 16.44 -1.40 -0.75
CA HIS A 608 15.81 -1.17 0.57
C HIS A 608 16.65 -0.28 1.52
N GLY A 609 17.89 0.05 1.15
CA GLY A 609 18.70 1.07 1.82
C GLY A 609 19.53 0.56 3.00
N GLU A 610 20.41 -0.41 2.77
CA GLU A 610 21.32 -0.94 3.80
C GLU A 610 22.24 0.15 4.43
N GLU A 611 22.68 1.12 3.63
CA GLU A 611 23.64 2.16 4.02
C GLU A 611 22.99 3.54 4.30
N LEU A 612 21.67 3.66 4.14
CA LEU A 612 20.96 4.95 4.09
C LEU A 612 20.91 5.66 5.45
N HIS A 613 21.45 6.88 5.55
CA HIS A 613 21.25 7.75 6.71
C HIS A 613 19.87 8.42 6.70
N MET A 614 19.34 8.74 7.87
CA MET A 614 18.14 9.55 8.00
C MET A 614 18.40 11.02 7.62
N PRO A 615 17.64 11.64 6.71
CA PRO A 615 17.74 13.07 6.46
C PRO A 615 17.04 13.87 7.56
N ILE A 616 17.64 14.97 7.99
CA ILE A 616 17.02 15.94 8.88
C ILE A 616 16.64 17.13 8.01
N THR A 617 15.36 17.24 7.65
CA THR A 617 14.87 18.32 6.80
C THR A 617 14.18 19.34 7.67
N VAL A 618 14.49 20.62 7.54
CA VAL A 618 13.86 21.70 8.33
C VAL A 618 13.22 22.71 7.37
N ILE A 619 11.93 23.01 7.55
CA ILE A 619 11.16 23.90 6.69
C ILE A 619 10.69 25.12 7.48
N TRP A 620 10.80 26.31 6.88
CA TRP A 620 10.16 27.55 7.33
C TRP A 620 9.31 28.15 6.20
N GLY A 621 8.27 28.90 6.56
CA GLY A 621 7.43 29.65 5.62
C GLY A 621 6.16 28.93 5.18
N VAL A 622 6.01 27.65 5.49
CA VAL A 622 4.80 26.85 5.27
C VAL A 622 4.29 26.35 6.63
N SER A 623 2.98 26.34 6.82
CA SER A 623 2.33 25.86 8.05
C SER A 623 2.18 24.33 8.06
N PRO A 624 2.64 23.58 9.08
CA PRO A 624 2.50 22.14 9.15
C PRO A 624 1.10 21.72 9.60
N GLU A 625 0.18 21.51 8.67
CA GLU A 625 -1.23 21.24 8.95
C GLU A 625 -1.87 20.40 7.85
N ASP A 626 -2.92 19.64 8.19
CA ASP A 626 -3.78 18.99 7.20
C ASP A 626 -5.17 19.63 7.23
N SER A 627 -5.57 20.28 6.14
CA SER A 627 -6.88 20.91 5.96
C SER A 627 -7.84 20.08 5.08
N GLY A 628 -7.45 18.87 4.71
CA GLY A 628 -8.33 17.90 4.06
C GLY A 628 -9.28 17.22 5.04
N ASP A 629 -10.24 16.46 4.51
CA ASP A 629 -11.10 15.59 5.31
C ASP A 629 -10.31 14.35 5.78
N PRO A 630 -10.11 14.13 7.09
CA PRO A 630 -9.33 12.99 7.58
C PRO A 630 -9.97 11.63 7.29
N LEU A 631 -11.26 11.58 6.95
CA LEU A 631 -11.97 10.35 6.57
C LEU A 631 -11.97 10.11 5.06
N ASN A 632 -11.51 11.04 4.23
CA ASN A 632 -11.33 10.82 2.80
C ASN A 632 -9.82 10.76 2.50
N PRO A 633 -9.28 9.61 2.03
CA PRO A 633 -7.85 9.50 1.73
C PRO A 633 -7.41 10.29 0.51
N LYS A 634 -8.33 10.76 -0.35
CA LYS A 634 -8.03 11.59 -1.52
C LYS A 634 -8.04 13.09 -1.23
N SER A 635 -8.59 13.52 -0.08
CA SER A 635 -8.65 14.91 0.36
C SER A 635 -7.49 15.23 1.28
N LYS A 636 -6.37 15.76 0.76
CA LYS A 636 -5.19 16.20 1.54
C LYS A 636 -5.09 17.71 1.73
N GLY A 637 -6.17 18.44 1.45
CA GLY A 637 -6.26 19.88 1.65
C GLY A 637 -5.39 20.67 0.68
N GLU A 638 -4.94 21.83 1.12
CA GLU A 638 -4.22 22.81 0.30
C GLU A 638 -3.06 23.44 1.08
N LEU A 639 -2.01 23.88 0.37
CA LEU A 639 -0.78 24.41 0.96
C LEU A 639 -1.00 25.78 1.63
N THR A 640 -0.69 25.90 2.94
CA THR A 640 -0.86 27.15 3.70
C THR A 640 0.46 27.83 3.98
N LEU A 641 0.79 28.90 3.24
CA LEU A 641 1.96 29.73 3.53
C LEU A 641 1.77 30.50 4.85
N ASP A 642 2.86 30.73 5.59
CA ASP A 642 2.90 31.54 6.80
C ASP A 642 3.20 33.00 6.43
N SER A 643 2.26 33.91 6.64
CA SER A 643 2.43 35.34 6.34
C SER A 643 3.43 36.06 7.27
N THR A 644 3.76 35.49 8.43
CA THR A 644 4.71 36.06 9.40
C THR A 644 6.15 35.61 9.18
N PHE A 645 6.42 34.77 8.17
CA PHE A 645 7.76 34.35 7.78
C PHE A 645 8.61 35.49 7.21
N ASN A 646 9.90 35.51 7.54
CA ASN A 646 10.89 36.41 6.95
C ASN A 646 12.30 35.81 7.03
N ILE A 647 12.90 35.45 5.90
CA ILE A 647 14.32 35.05 5.80
C ILE A 647 15.27 36.23 5.55
N ALA A 648 14.83 37.26 4.83
CA ALA A 648 15.69 38.31 4.31
C ALA A 648 16.09 39.38 5.35
N SER A 649 15.40 39.48 6.49
CA SER A 649 15.82 40.31 7.62
C SER A 649 17.25 39.98 8.08
N PRO A 650 18.11 40.95 8.41
CA PRO A 650 19.47 40.68 8.89
C PRO A 650 19.51 39.79 10.14
N ALA A 651 18.53 39.90 11.05
CA ALA A 651 18.43 39.03 12.22
C ALA A 651 18.11 37.58 11.83
N SER A 652 17.24 37.37 10.85
CA SER A 652 16.96 36.05 10.28
C SER A 652 18.17 35.46 9.57
N GLN A 653 18.90 36.25 8.78
CA GLN A 653 20.14 35.80 8.15
C GLN A 653 21.20 35.39 9.18
N ALA A 654 21.39 36.16 10.25
CA ALA A 654 22.32 35.83 11.32
C ALA A 654 21.91 34.55 12.06
N TRP A 655 20.66 34.43 12.48
CA TRP A 655 20.21 33.27 13.24
C TRP A 655 20.22 31.98 12.42
N ILE A 656 19.81 32.00 11.15
CA ILE A 656 19.75 30.78 10.34
C ILE A 656 21.16 30.25 10.02
N LEU A 657 22.15 31.12 9.88
CA LEU A 657 23.55 30.72 9.78
C LEU A 657 24.03 30.05 11.07
N HIS A 658 23.73 30.66 12.22
CA HIS A 658 24.07 30.11 13.53
C HIS A 658 23.40 28.76 13.82
N PHE A 659 22.14 28.58 13.43
CA PHE A 659 21.43 27.31 13.51
C PHE A 659 22.14 26.18 12.75
N CYS A 660 22.54 26.40 11.49
CA CYS A 660 23.29 25.38 10.73
C CYS A 660 24.57 24.97 11.46
N GLN A 661 25.29 25.94 12.03
CA GLN A 661 26.55 25.70 12.70
C GLN A 661 26.38 25.00 14.06
N LYS A 662 25.32 25.31 14.83
CA LYS A 662 24.98 24.54 16.03
C LYS A 662 24.49 23.13 15.74
N LEU A 663 23.69 22.91 14.70
CA LEU A 663 23.19 21.58 14.35
C LEU A 663 24.35 20.65 13.98
N ARG A 664 25.32 21.18 13.23
CA ARG A 664 26.53 20.41 12.87
C ARG A 664 27.50 20.04 14.05
N ASN A 665 27.24 20.58 15.24
CA ASN A 665 27.98 20.23 16.45
C ASN A 665 27.27 19.15 17.30
N GLN A 666 26.10 18.67 16.89
CA GLN A 666 25.34 17.65 17.62
C GLN A 666 25.77 16.22 17.26
N THR A 667 25.66 15.30 18.22
CA THR A 667 26.01 13.88 18.02
C THR A 667 25.11 13.15 17.02
N PHE A 668 23.91 13.68 16.74
CA PHE A 668 23.00 13.14 15.73
C PHE A 668 23.35 13.53 14.30
N PHE A 669 24.37 14.37 14.04
CA PHE A 669 24.72 14.84 12.69
C PHE A 669 25.92 14.08 12.11
N HIS A 670 25.79 13.58 10.88
CA HIS A 670 26.84 12.84 10.18
C HIS A 670 27.79 13.76 9.42
N GLN A 671 28.91 14.14 10.05
CA GLN A 671 29.90 15.05 9.51
C GLN A 671 30.84 14.38 8.49
N THR A 672 30.33 14.09 7.29
CA THR A 672 31.13 13.62 6.14
C THR A 672 32.15 14.69 5.67
N GLU A 673 33.23 14.27 5.03
CA GLU A 673 34.26 15.17 4.48
C GLU A 673 33.81 15.91 3.21
N GLN A 674 32.99 15.28 2.36
CA GLN A 674 32.46 15.92 1.15
C GLN A 674 31.40 16.96 1.52
N GLN A 675 31.70 18.25 1.32
CA GLN A 675 30.74 19.33 1.54
C GLN A 675 29.57 19.22 0.54
N ASP A 676 28.35 19.50 0.99
CA ASP A 676 27.17 19.64 0.14
C ASP A 676 26.68 21.09 0.20
N PHE A 677 26.87 21.80 -0.90
CA PHE A 677 26.53 23.21 -0.98
C PHE A 677 25.01 23.48 -1.07
N THR A 678 24.16 22.45 -1.17
CA THR A 678 22.72 22.62 -0.97
C THR A 678 22.35 22.76 0.50
N SER A 679 23.02 22.02 1.40
CA SER A 679 22.48 21.69 2.72
C SER A 679 22.14 22.89 3.61
N CYS A 680 23.01 23.88 3.65
CA CYS A 680 22.76 25.17 4.28
C CYS A 680 23.00 26.29 3.26
N PHE A 681 21.97 26.64 2.48
CA PHE A 681 22.12 27.52 1.31
C PHE A 681 22.69 28.90 1.67
N ILE A 682 22.41 29.41 2.87
CA ILE A 682 22.93 30.70 3.36
C ILE A 682 24.46 30.72 3.46
N GLU A 683 25.11 29.61 3.80
CA GLU A 683 26.57 29.51 3.83
C GLU A 683 27.16 29.52 2.42
N THR A 684 26.58 28.75 1.49
CA THR A 684 26.99 28.77 0.10
C THR A 684 26.82 30.16 -0.52
N PHE A 685 25.73 30.85 -0.21
CA PHE A 685 25.49 32.20 -0.67
C PHE A 685 26.49 33.21 -0.11
N LYS A 686 26.79 33.15 1.20
CA LYS A 686 27.84 33.95 1.84
C LYS A 686 29.20 33.72 1.17
N GLN A 687 29.57 32.47 0.89
CA GLN A 687 30.80 32.14 0.17
C GLN A 687 30.80 32.69 -1.27
N TRP A 688 29.68 32.63 -1.97
CA TRP A 688 29.53 33.20 -3.31
C TRP A 688 29.67 34.73 -3.30
N MET A 689 29.02 35.42 -2.37
CA MET A 689 29.17 36.86 -2.20
C MET A 689 30.63 37.24 -1.94
N GLU A 690 31.32 36.53 -1.06
CA GLU A 690 32.75 36.77 -0.79
C GLU A 690 33.67 36.52 -2.00
N ASN A 691 33.21 35.84 -3.07
CA ASN A 691 33.97 35.70 -4.31
C ASN A 691 33.85 36.91 -5.26
N GLN A 692 32.87 37.81 -5.08
CA GLN A 692 32.59 38.87 -6.05
C GLN A 692 33.61 40.02 -5.96
N ASP A 693 34.68 39.89 -6.73
CA ASP A 693 35.85 40.78 -6.81
C ASP A 693 35.59 42.00 -7.74
N CYS A 694 34.58 42.80 -7.39
CA CYS A 694 34.00 43.83 -8.23
C CYS A 694 34.99 44.83 -8.86
N ASP A 695 34.84 45.02 -10.17
CA ASP A 695 35.49 46.08 -10.97
C ASP A 695 34.54 46.67 -12.04
N GLU A 696 33.23 46.45 -11.90
CA GLU A 696 32.18 47.01 -12.75
C GLU A 696 30.87 47.21 -11.96
N PRO A 697 30.00 48.17 -12.34
CA PRO A 697 28.76 48.46 -11.62
C PRO A 697 27.72 47.34 -11.71
N ALA A 698 27.81 46.44 -12.71
CA ALA A 698 26.86 45.33 -12.87
C ALA A 698 26.85 44.34 -11.69
N LEU A 699 27.92 44.28 -10.89
CA LEU A 699 28.00 43.47 -9.67
C LEU A 699 27.72 44.27 -8.39
N TYR A 700 27.56 45.60 -8.45
CA TYR A 700 27.71 46.52 -7.30
C TYR A 700 27.08 46.08 -5.96
N PRO A 701 25.80 45.69 -5.88
CA PRO A 701 25.21 45.31 -4.59
C PRO A 701 25.80 43.99 -4.06
N CYS A 702 26.22 43.09 -4.95
CA CYS A 702 26.66 41.74 -4.62
C CYS A 702 28.17 41.62 -4.32
N CYS A 703 28.88 42.73 -4.17
CA CYS A 703 30.33 42.72 -3.99
C CYS A 703 30.80 42.07 -2.68
N SER A 704 32.00 41.47 -2.74
CA SER A 704 32.66 40.79 -1.62
C SER A 704 33.02 41.67 -0.42
N HIS A 705 32.98 43.00 -0.54
CA HIS A 705 33.17 43.90 0.61
C HIS A 705 31.92 44.07 1.49
N CYS A 706 30.75 43.60 1.07
CA CYS A 706 29.54 43.59 1.91
C CYS A 706 29.71 42.63 3.10
N SER A 707 29.51 43.10 4.33
CA SER A 707 29.54 42.28 5.55
C SER A 707 28.28 41.41 5.69
N PHE A 708 28.39 40.25 6.36
CA PHE A 708 27.45 39.14 6.13
C PHE A 708 25.96 39.42 6.36
N PRO A 709 25.49 40.08 7.44
CA PRO A 709 24.06 40.37 7.59
C PRO A 709 23.64 41.45 6.57
N TYR A 710 23.42 41.05 5.32
CA TYR A 710 23.21 41.95 4.20
C TYR A 710 21.94 42.77 4.39
N LYS A 711 21.94 44.04 3.97
CA LYS A 711 20.72 44.85 3.91
C LYS A 711 19.65 44.10 3.13
N GLN A 712 18.41 44.13 3.58
CA GLN A 712 17.36 43.22 3.08
C GLN A 712 17.20 43.27 1.55
N GLU A 713 17.26 44.46 0.94
CA GLU A 713 17.19 44.61 -0.52
C GLU A 713 18.37 43.97 -1.25
N VAL A 714 19.58 44.05 -0.68
CA VAL A 714 20.79 43.41 -1.24
C VAL A 714 20.68 41.89 -1.14
N PHE A 715 20.17 41.34 -0.04
CA PHE A 715 19.89 39.92 0.05
C PHE A 715 18.89 39.48 -1.02
N GLU A 716 17.72 40.14 -1.08
CA GLU A 716 16.63 39.77 -1.98
C GLU A 716 17.01 39.89 -3.46
N LEU A 717 17.86 40.84 -3.83
CA LEU A 717 18.42 40.92 -5.17
C LEU A 717 19.48 39.83 -5.40
N CYS A 718 20.55 39.80 -4.62
CA CYS A 718 21.72 38.99 -4.92
C CYS A 718 21.46 37.49 -4.81
N ILE A 719 20.51 37.03 -3.99
CA ILE A 719 20.14 35.62 -3.97
C ILE A 719 19.57 35.15 -5.32
N LYS A 720 18.84 36.00 -6.04
CA LYS A 720 18.35 35.69 -7.40
C LYS A 720 19.50 35.60 -8.40
N LYS A 721 20.43 36.56 -8.36
CA LYS A 721 21.62 36.57 -9.23
C LYS A 721 22.48 35.33 -9.00
N ALA A 722 22.70 34.95 -7.75
CA ALA A 722 23.46 33.76 -7.39
C ALA A 722 22.78 32.44 -7.84
N ILE A 723 21.47 32.29 -7.61
CA ILE A 723 20.71 31.11 -8.06
C ILE A 723 20.71 30.96 -9.59
N MET A 724 20.58 32.05 -10.35
CA MET A 724 20.67 31.95 -11.81
C MET A 724 22.11 31.77 -12.31
N GLU A 725 23.11 32.31 -11.62
CA GLU A 725 24.51 32.03 -11.94
C GLU A 725 24.84 30.55 -11.78
N LEU A 726 24.36 29.88 -10.74
CA LEU A 726 24.48 28.42 -10.61
C LEU A 726 23.87 27.72 -11.83
N ASP A 727 22.64 28.06 -12.20
CA ASP A 727 21.91 27.41 -13.29
C ASP A 727 22.60 27.56 -14.66
N ARG A 728 23.24 28.70 -14.91
CA ARG A 728 24.00 28.98 -16.14
C ARG A 728 25.40 28.38 -16.10
N SER A 729 26.09 28.45 -14.96
CA SER A 729 27.50 28.02 -14.83
C SER A 729 27.68 26.51 -14.78
N THR A 730 26.72 25.77 -14.22
CA THR A 730 26.94 24.39 -13.78
C THR A 730 25.88 23.42 -14.29
N GLY A 731 26.30 22.22 -14.70
CA GLY A 731 25.43 21.10 -15.10
C GLY A 731 24.73 20.41 -13.91
N TYR A 732 24.16 21.18 -13.01
CA TYR A 732 23.49 20.74 -11.78
C TYR A 732 22.12 21.41 -11.66
N HIS A 733 21.09 20.66 -11.27
CA HIS A 733 19.70 21.12 -11.31
C HIS A 733 19.02 21.01 -9.95
N LEU A 734 18.13 21.97 -9.68
CA LEU A 734 17.33 22.04 -8.46
C LEU A 734 15.95 21.46 -8.76
N ASN A 735 15.46 20.54 -7.92
CA ASN A 735 14.18 19.87 -8.08
C ASN A 735 13.34 19.99 -6.80
N ASN A 736 12.10 19.53 -6.78
CA ASN A 736 11.18 19.78 -5.66
C ASN A 736 11.65 19.26 -4.30
N LYS A 737 12.60 18.31 -4.26
CA LYS A 737 13.23 17.79 -3.03
C LYS A 737 14.51 18.52 -2.61
N THR A 738 15.13 19.30 -3.47
CA THR A 738 16.43 19.96 -3.19
C THR A 738 16.31 21.04 -2.11
N PRO A 739 17.24 21.15 -1.15
CA PRO A 739 17.26 22.25 -0.19
C PRO A 739 17.48 23.61 -0.86
N GLY A 740 17.07 24.70 -0.21
CA GLY A 740 17.22 26.06 -0.72
C GLY A 740 15.99 26.93 -0.50
N PRO A 741 15.99 28.18 -0.98
CA PRO A 741 14.82 29.04 -0.97
C PRO A 741 13.74 28.52 -1.93
N ARG A 742 12.49 28.98 -1.68
CA ARG A 742 11.37 28.68 -2.55
C ARG A 742 10.72 30.01 -2.94
N PHE A 743 10.71 30.38 -4.22
CA PHE A 743 10.16 31.62 -4.77
C PHE A 743 8.69 31.47 -5.17
N ASP A 744 7.85 32.49 -5.01
CA ASP A 744 6.51 32.50 -5.62
C ASP A 744 6.50 33.05 -7.05
N ILE A 745 5.31 33.20 -7.65
CA ILE A 745 5.10 33.67 -9.01
C ILE A 745 5.70 35.07 -9.27
N ASN A 746 5.89 35.89 -8.23
CA ASN A 746 6.51 37.22 -8.30
C ASN A 746 7.99 37.23 -7.86
N ASP A 747 8.61 36.06 -7.70
CA ASP A 747 9.97 35.84 -7.21
C ASP A 747 10.26 36.39 -5.79
N THR A 748 9.28 36.37 -4.90
CA THR A 748 9.54 36.64 -3.46
C THR A 748 9.75 35.31 -2.74
N ILE A 749 10.71 35.22 -1.82
CA ILE A 749 10.97 33.96 -1.11
C ILE A 749 9.86 33.72 -0.08
N ARG A 750 9.04 32.67 -0.28
CA ARG A 750 7.95 32.32 0.67
C ARG A 750 8.27 31.14 1.59
N ALA A 751 9.30 30.36 1.29
CA ALA A 751 9.73 29.28 2.15
C ALA A 751 11.24 29.05 2.03
N VAL A 752 11.81 28.36 3.01
CA VAL A 752 13.20 27.91 3.04
C VAL A 752 13.24 26.46 3.49
N VAL A 753 14.02 25.63 2.81
CA VAL A 753 14.27 24.23 3.18
C VAL A 753 15.77 24.03 3.46
N LEU A 754 16.13 23.57 4.66
CA LEU A 754 17.47 23.12 5.01
C LEU A 754 17.49 21.59 5.12
N GLU A 755 18.57 20.92 4.74
CA GLU A 755 18.68 19.48 4.97
C GLU A 755 20.09 19.01 5.31
N PHE A 756 20.19 18.18 6.34
CA PHE A 756 21.41 17.61 6.89
C PHE A 756 21.29 16.08 6.96
N GLN A 757 22.37 15.31 6.84
CA GLN A 757 22.30 13.86 7.07
C GLN A 757 22.56 13.53 8.54
N SER A 758 21.79 12.62 9.12
CA SER A 758 21.96 12.16 10.50
C SER A 758 22.95 11.00 10.62
N THR A 759 23.53 10.79 11.81
CA THR A 759 24.25 9.55 12.13
C THR A 759 23.32 8.35 12.27
N PHE A 760 22.02 8.54 12.52
CA PHE A 760 21.04 7.46 12.52
C PHE A 760 20.80 6.93 11.10
N LEU A 761 20.71 5.61 10.95
CA LEU A 761 20.38 4.94 9.70
C LEU A 761 18.87 4.71 9.59
N PHE A 762 18.35 4.55 8.37
CA PHE A 762 16.98 4.11 8.17
C PHE A 762 16.79 2.67 8.67
N THR A 763 15.70 2.43 9.40
CA THR A 763 15.33 1.11 9.92
C THR A 763 13.82 0.98 10.03
N LEU A 764 13.29 -0.24 9.92
CA LEU A 764 11.89 -0.56 10.17
C LEU A 764 11.60 -0.89 11.65
N ALA A 765 12.60 -0.81 12.53
CA ALA A 765 12.47 -1.07 13.97
C ALA A 765 11.88 0.13 14.74
N TYR A 766 10.80 -0.11 15.49
CA TYR A 766 10.04 0.95 16.14
C TYR A 766 10.82 1.73 17.20
N GLU A 767 11.50 1.06 18.14
CA GLU A 767 12.18 1.76 19.24
C GLU A 767 13.42 2.54 18.79
N LYS A 768 14.13 2.06 17.75
CA LYS A 768 15.24 2.79 17.13
C LYS A 768 14.79 4.03 16.37
N MET A 769 13.67 3.94 15.64
CA MET A 769 13.14 5.10 14.92
C MET A 769 12.48 6.12 15.86
N GLN A 770 11.87 5.67 16.95
CA GLN A 770 11.40 6.52 18.04
C GLN A 770 12.54 7.28 18.72
N GLN A 771 13.70 6.64 18.91
CA GLN A 771 14.89 7.27 19.47
C GLN A 771 15.42 8.40 18.58
N PHE A 772 15.53 8.18 17.27
CA PHE A 772 15.89 9.22 16.31
C PHE A 772 14.93 10.40 16.37
N TYR A 773 13.63 10.14 16.26
CA TYR A 773 12.62 11.19 16.22
C TYR A 773 12.62 12.04 17.49
N LYS A 774 12.61 11.42 18.67
CA LYS A 774 12.60 12.14 19.95
C LYS A 774 13.87 12.94 20.18
N GLU A 775 15.05 12.42 19.86
CA GLU A 775 16.31 13.14 20.01
C GLU A 775 16.38 14.37 19.11
N VAL A 776 16.09 14.23 17.82
CA VAL A 776 16.18 15.33 16.85
C VAL A 776 15.05 16.35 17.03
N ASP A 777 13.79 15.93 17.14
CA ASP A 777 12.67 16.86 17.24
C ASP A 777 12.74 17.69 18.53
N SER A 778 13.22 17.13 19.64
CA SER A 778 13.38 17.88 20.90
C SER A 778 14.48 18.93 20.81
N TRP A 779 15.62 18.62 20.18
CA TRP A 779 16.69 19.59 20.00
C TRP A 779 16.26 20.73 19.07
N ILE A 780 15.66 20.40 17.91
CA ILE A 780 15.20 21.39 16.94
C ILE A 780 14.10 22.27 17.56
N SER A 781 13.13 21.69 18.27
CA SER A 781 12.08 22.47 18.95
C SER A 781 12.62 23.37 20.04
N HIS A 782 13.61 22.92 20.82
CA HIS A 782 14.26 23.79 21.81
C HIS A 782 15.01 24.93 21.14
N GLU A 783 15.82 24.63 20.13
CA GLU A 783 16.59 25.64 19.41
C GLU A 783 15.71 26.71 18.74
N LEU A 784 14.62 26.30 18.08
CA LEU A 784 13.66 27.22 17.46
C LEU A 784 13.00 28.19 18.45
N SER A 785 12.94 27.90 19.74
CA SER A 785 12.44 28.86 20.73
C SER A 785 13.35 30.10 20.87
N SER A 786 14.60 30.03 20.43
CA SER A 786 15.53 31.17 20.41
C SER A 786 15.37 32.07 19.17
N ALA A 787 14.65 31.64 18.15
CA ALA A 787 14.64 32.25 16.83
C ALA A 787 14.00 33.66 16.82
N PRO A 788 14.44 34.57 15.93
CA PRO A 788 13.73 35.82 15.67
C PRO A 788 12.32 35.52 15.13
N GLU A 789 11.41 36.47 15.23
CA GLU A 789 9.98 36.23 15.00
C GLU A 789 9.65 35.70 13.58
N GLY A 790 10.47 36.06 12.59
CA GLY A 790 10.37 35.57 11.22
C GLY A 790 10.70 34.09 11.02
N LEU A 791 11.26 33.41 12.04
CA LEU A 791 11.76 32.04 11.96
C LEU A 791 11.29 31.12 13.12
N SER A 792 10.43 31.59 14.01
CA SER A 792 10.00 30.80 15.19
C SER A 792 9.10 29.60 14.87
N ARG A 793 8.44 29.58 13.69
CA ARG A 793 7.44 28.54 13.35
C ARG A 793 7.94 27.41 12.45
N GLY A 794 9.26 27.26 12.33
CA GLY A 794 9.88 26.19 11.56
C GLY A 794 9.56 24.79 12.08
N TRP A 795 9.70 23.78 11.24
CA TRP A 795 9.38 22.39 11.61
C TRP A 795 10.29 21.39 10.91
N PHE A 796 10.49 20.25 11.56
CA PHE A 796 11.39 19.18 11.12
C PHE A 796 10.59 18.02 10.52
N VAL A 797 11.05 17.47 9.41
CA VAL A 797 10.46 16.28 8.78
C VAL A 797 11.56 15.35 8.27
N SER A 798 11.24 14.07 8.17
CA SER A 798 12.13 13.02 7.71
C SER A 798 11.32 11.84 7.14
N ASN A 799 11.97 10.74 6.78
CA ASN A 799 11.33 9.52 6.30
C ASN A 799 10.64 8.74 7.43
N LEU A 800 9.55 9.30 7.97
CA LEU A 800 8.88 8.83 9.19
C LEU A 800 7.48 8.26 8.97
N GLU A 801 7.05 8.05 7.74
CA GLU A 801 5.67 7.59 7.49
C GLU A 801 5.35 6.21 8.08
N PHE A 802 6.28 5.27 7.99
CA PHE A 802 6.10 3.92 8.49
C PHE A 802 6.16 3.86 10.01
N TYR A 803 6.97 4.74 10.60
CA TYR A 803 7.02 4.86 12.06
C TYR A 803 5.72 5.47 12.59
N ASP A 804 5.12 6.44 11.91
CA ASP A 804 3.82 7.00 12.31
C ASP A 804 2.67 5.98 12.17
N LEU A 805 2.72 5.11 11.16
CA LEU A 805 1.79 3.98 11.04
C LEU A 805 1.93 2.97 12.18
N GLN A 806 3.15 2.53 12.49
CA GLN A 806 3.44 1.63 13.61
C GLN A 806 3.00 2.22 14.95
N ASP A 807 3.31 3.49 15.18
CA ASP A 807 2.89 4.21 16.37
C ASP A 807 1.37 4.24 16.52
N SER A 808 0.66 4.60 15.45
CA SER A 808 -0.80 4.62 15.40
C SER A 808 -1.45 3.24 15.55
N LEU A 809 -0.86 2.17 15.03
CA LEU A 809 -1.38 0.82 15.22
C LEU A 809 -1.30 0.39 16.69
N SER A 810 -0.20 0.70 17.38
CA SER A 810 -0.06 0.39 18.80
C SER A 810 -1.06 1.18 19.65
N ASP A 811 -1.15 2.50 19.46
CA ASP A 811 -2.06 3.38 20.20
C ASP A 811 -3.53 3.05 19.98
N GLY A 812 -3.96 2.90 18.72
CA GLY A 812 -5.36 2.67 18.39
C GLY A 812 -5.86 1.33 18.92
N THR A 813 -5.02 0.30 18.93
CA THR A 813 -5.38 -1.02 19.46
C THR A 813 -5.62 -0.97 20.97
N LEU A 814 -4.76 -0.32 21.74
CA LEU A 814 -4.93 -0.18 23.19
C LEU A 814 -6.21 0.58 23.56
N ILE A 815 -6.48 1.72 22.93
CA ILE A 815 -7.68 2.52 23.24
C ILE A 815 -8.95 1.77 22.82
N ALA A 816 -9.01 1.22 21.60
CA ALA A 816 -10.19 0.52 21.13
C ALA A 816 -10.49 -0.73 21.97
N MET A 817 -9.47 -1.44 22.42
CA MET A 817 -9.66 -2.60 23.28
C MET A 817 -10.07 -2.24 24.70
N GLY A 818 -9.50 -1.21 25.31
CA GLY A 818 -9.92 -0.71 26.62
C GLY A 818 -11.36 -0.20 26.65
N LEU A 819 -11.80 0.54 25.63
CA LEU A 819 -13.21 0.91 25.45
C LEU A 819 -14.14 -0.30 25.30
N SER A 820 -13.69 -1.34 24.59
CA SER A 820 -14.46 -2.57 24.43
C SER A 820 -14.62 -3.34 25.75
N VAL A 821 -13.58 -3.41 26.57
CA VAL A 821 -13.63 -4.08 27.89
C VAL A 821 -14.54 -3.31 28.86
N ALA A 822 -14.49 -1.99 28.86
CA ALA A 822 -15.39 -1.16 29.65
C ALA A 822 -16.88 -1.36 29.30
N VAL A 823 -17.21 -1.45 28.01
CA VAL A 823 -18.58 -1.79 27.57
C VAL A 823 -18.95 -3.20 27.99
N ALA A 824 -18.09 -4.20 27.79
CA ALA A 824 -18.35 -5.59 28.16
C ALA A 824 -18.68 -5.77 29.65
N PHE A 825 -17.90 -5.19 30.57
CA PHE A 825 -18.20 -5.28 32.00
C PHE A 825 -19.43 -4.48 32.42
N SER A 826 -19.59 -3.24 31.95
CA SER A 826 -20.74 -2.42 32.35
C SER A 826 -22.08 -3.00 31.87
N VAL A 827 -22.19 -3.54 30.66
CA VAL A 827 -23.44 -4.22 30.27
C VAL A 827 -23.66 -5.53 31.02
N MET A 828 -22.60 -6.22 31.45
CA MET A 828 -22.72 -7.45 32.25
C MET A 828 -23.47 -7.20 33.56
N LEU A 829 -23.07 -6.14 34.27
CA LEU A 829 -23.71 -5.68 35.50
C LEU A 829 -25.18 -5.29 35.32
N LEU A 830 -25.50 -4.63 34.20
CA LEU A 830 -26.87 -4.25 33.87
C LEU A 830 -27.71 -5.44 33.36
N THR A 831 -27.08 -6.47 32.80
CA THR A 831 -27.76 -7.67 32.29
C THR A 831 -28.13 -8.61 33.43
N THR A 832 -27.18 -8.87 34.32
CA THR A 832 -27.35 -9.65 35.55
C THR A 832 -26.98 -8.76 36.71
N TRP A 833 -27.96 -8.28 37.48
CA TRP A 833 -27.78 -7.37 38.61
C TRP A 833 -27.16 -8.06 39.82
N ASN A 834 -25.98 -8.63 39.63
CA ASN A 834 -25.26 -9.42 40.59
C ASN A 834 -23.76 -9.27 40.31
N ILE A 835 -23.00 -8.79 41.30
CA ILE A 835 -21.56 -8.52 41.12
C ILE A 835 -20.76 -9.81 40.95
N ILE A 836 -21.16 -10.91 41.58
CA ILE A 836 -20.43 -12.19 41.54
C ILE A 836 -20.56 -12.84 40.17
N ILE A 837 -21.79 -12.94 39.62
CA ILE A 837 -21.99 -13.45 38.24
C ILE A 837 -21.24 -12.61 37.23
N SER A 838 -21.29 -11.28 37.37
CA SER A 838 -20.60 -10.36 36.46
C SER A 838 -19.08 -10.52 36.50
N LEU A 839 -18.53 -10.82 37.68
CA LEU A 839 -17.12 -11.03 37.94
C LEU A 839 -16.63 -12.38 37.39
N TYR A 840 -17.37 -13.46 37.58
CA TYR A 840 -17.09 -14.75 36.93
C TYR A 840 -17.17 -14.66 35.40
N ALA A 841 -18.09 -13.87 34.87
CA ALA A 841 -18.18 -13.64 33.44
C ALA A 841 -16.95 -12.92 32.89
N ILE A 842 -16.47 -11.84 33.51
CA ILE A 842 -15.24 -11.17 33.03
C ILE A 842 -13.97 -12.01 33.21
N VAL A 843 -13.91 -12.90 34.20
CA VAL A 843 -12.81 -13.85 34.35
C VAL A 843 -12.80 -14.88 33.22
N SER A 844 -13.98 -15.40 32.84
CA SER A 844 -14.15 -16.23 31.65
C SER A 844 -13.80 -15.49 30.35
N ILE A 845 -14.21 -14.24 30.20
CA ILE A 845 -13.91 -13.41 29.02
C ILE A 845 -12.42 -13.07 28.93
N ALA A 846 -11.76 -12.74 30.02
CA ALA A 846 -10.32 -12.50 30.06
C ALA A 846 -9.54 -13.74 29.62
N GLY A 847 -9.88 -14.93 30.15
CA GLY A 847 -9.30 -16.19 29.70
C GLY A 847 -9.52 -16.43 28.21
N THR A 848 -10.73 -16.19 27.72
CA THR A 848 -11.06 -16.30 26.30
C THR A 848 -10.16 -15.43 25.43
N ILE A 849 -9.93 -14.18 25.83
CA ILE A 849 -9.15 -13.22 25.05
C ILE A 849 -7.66 -13.58 25.07
N PHE A 850 -7.08 -13.90 26.23
CA PHE A 850 -5.69 -14.35 26.31
C PHE A 850 -5.43 -15.60 25.48
N VAL A 851 -6.29 -16.60 25.54
CA VAL A 851 -6.14 -17.82 24.73
C VAL A 851 -6.35 -17.55 23.23
N THR A 852 -7.29 -16.68 22.85
CA THR A 852 -7.51 -16.31 21.44
C THR A 852 -6.32 -15.53 20.88
N VAL A 853 -5.90 -14.44 21.53
CA VAL A 853 -4.81 -13.59 21.03
C VAL A 853 -3.46 -14.30 21.13
N GLY A 854 -3.18 -15.02 22.22
CA GLY A 854 -1.98 -15.83 22.33
C GLY A 854 -1.87 -16.89 21.22
N SER A 855 -2.98 -17.48 20.80
CA SER A 855 -3.00 -18.38 19.64
C SER A 855 -2.69 -17.66 18.33
N LEU A 856 -3.17 -16.45 18.12
CA LEU A 856 -2.83 -15.66 16.92
C LEU A 856 -1.34 -15.26 16.90
N VAL A 857 -0.74 -15.00 18.06
CA VAL A 857 0.70 -14.81 18.20
C VAL A 857 1.47 -16.08 17.82
N LEU A 858 1.07 -17.25 18.31
CA LEU A 858 1.69 -18.51 17.91
C LEU A 858 1.48 -18.85 16.43
N LEU A 859 0.36 -18.45 15.83
CA LEU A 859 0.14 -18.53 14.37
C LEU A 859 0.94 -17.50 13.57
N GLY A 860 1.67 -16.59 14.24
CA GLY A 860 2.51 -15.63 13.55
C GLY A 860 1.83 -14.37 13.07
N TRP A 861 0.83 -13.87 13.76
CA TRP A 861 0.18 -12.65 13.36
C TRP A 861 0.94 -11.48 13.95
N GLU A 862 0.88 -10.33 13.30
CA GLU A 862 1.54 -9.12 13.77
C GLU A 862 0.49 -8.08 13.80
N LEU A 863 0.72 -6.99 14.51
CA LEU A 863 -0.30 -5.99 14.66
C LEU A 863 -0.38 -5.10 13.47
N ASN A 864 -0.93 -5.58 12.36
CA ASN A 864 -1.09 -4.81 11.17
C ASN A 864 -2.51 -4.30 11.18
N VAL A 865 -3.08 -3.88 10.05
CA VAL A 865 -4.40 -3.22 10.00
C VAL A 865 -5.64 -4.00 10.36
N LEU A 866 -5.87 -5.15 9.76
CA LEU A 866 -7.02 -5.97 10.06
C LEU A 866 -6.82 -6.75 11.32
N GLU A 867 -5.60 -7.10 11.66
CA GLU A 867 -5.29 -7.84 12.86
C GLU A 867 -5.49 -7.01 14.06
N SER A 868 -5.33 -5.72 13.93
CA SER A 868 -5.53 -4.81 14.99
C SER A 868 -6.96 -4.72 15.33
N VAL A 869 -7.85 -4.56 14.38
CA VAL A 869 -9.30 -4.51 14.55
C VAL A 869 -9.84 -5.78 15.19
N THR A 870 -9.40 -6.96 14.76
CA THR A 870 -9.89 -8.23 15.30
C THR A 870 -9.65 -8.37 16.80
N ILE A 871 -8.60 -7.76 17.34
CA ILE A 871 -8.30 -7.77 18.78
C ILE A 871 -9.40 -7.09 19.62
N SER A 872 -9.89 -5.91 19.27
CA SER A 872 -11.03 -5.30 19.98
C SER A 872 -12.34 -6.03 19.72
N VAL A 873 -12.55 -6.54 18.50
CA VAL A 873 -13.73 -7.33 18.14
C VAL A 873 -13.83 -8.65 18.89
N ALA A 874 -12.70 -9.26 19.26
CA ALA A 874 -12.64 -10.44 20.13
C ALA A 874 -13.35 -10.22 21.48
N VAL A 875 -13.22 -9.03 22.07
CA VAL A 875 -13.90 -8.67 23.31
C VAL A 875 -15.41 -8.68 23.14
N GLY A 876 -15.93 -7.92 22.18
CA GLY A 876 -17.38 -7.79 21.95
C GLY A 876 -18.05 -9.12 21.62
N LEU A 877 -17.40 -9.97 20.82
CA LEU A 877 -17.90 -11.32 20.55
C LEU A 877 -17.93 -12.19 21.80
N SER A 878 -16.84 -12.22 22.57
CA SER A 878 -16.69 -13.09 23.74
C SER A 878 -17.81 -12.90 24.76
N VAL A 879 -18.39 -11.71 24.84
CA VAL A 879 -19.50 -11.42 25.77
C VAL A 879 -20.69 -12.35 25.59
N ASP A 880 -20.97 -12.79 24.37
CA ASP A 880 -22.26 -13.35 24.01
C ASP A 880 -22.68 -14.57 24.83
N PHE A 881 -21.82 -15.56 24.95
CA PHE A 881 -22.21 -16.83 25.55
C PHE A 881 -22.26 -16.73 27.08
N ALA A 882 -21.38 -15.94 27.70
CA ALA A 882 -21.41 -15.66 29.13
C ALA A 882 -22.68 -14.90 29.56
N VAL A 883 -23.15 -13.90 28.81
CA VAL A 883 -24.43 -13.24 29.15
C VAL A 883 -25.62 -14.18 29.02
N HIS A 884 -25.68 -15.00 27.98
CA HIS A 884 -26.78 -15.96 27.82
C HIS A 884 -26.83 -16.98 28.97
N TYR A 885 -25.71 -17.62 29.31
CA TYR A 885 -25.68 -18.55 30.45
C TYR A 885 -25.88 -17.84 31.79
N GLY A 886 -25.45 -16.60 31.94
CA GLY A 886 -25.62 -15.80 33.15
C GLY A 886 -27.05 -15.34 33.41
N VAL A 887 -27.81 -14.90 32.42
CA VAL A 887 -29.23 -14.59 32.67
C VAL A 887 -30.04 -15.85 32.91
N ALA A 888 -29.69 -16.97 32.27
CA ALA A 888 -30.36 -18.25 32.54
C ALA A 888 -30.07 -18.79 33.94
N TYR A 889 -28.87 -18.58 34.48
CA TYR A 889 -28.56 -18.94 35.87
C TYR A 889 -29.46 -18.20 36.88
N ARG A 890 -29.69 -16.90 36.71
CA ARG A 890 -30.55 -16.12 37.64
C ARG A 890 -32.06 -16.27 37.38
N LEU A 891 -32.45 -16.66 36.18
CA LEU A 891 -33.83 -17.05 35.84
C LEU A 891 -34.23 -18.38 36.51
N ALA A 892 -33.28 -19.23 36.85
CA ALA A 892 -33.54 -20.59 37.31
C ALA A 892 -34.39 -20.64 38.60
N PRO A 893 -35.40 -21.52 38.68
CA PRO A 893 -36.27 -21.63 39.86
C PRO A 893 -35.63 -22.41 41.03
N ASP A 894 -34.62 -23.23 40.77
CA ASP A 894 -33.96 -24.05 41.77
C ASP A 894 -33.22 -23.20 42.83
N PRO A 895 -33.28 -23.56 44.12
CA PRO A 895 -32.61 -22.81 45.18
C PRO A 895 -31.09 -23.06 45.25
N ASP A 896 -30.63 -24.21 44.77
CA ASP A 896 -29.24 -24.67 44.86
C ASP A 896 -28.44 -24.36 43.61
N ARG A 897 -27.16 -23.97 43.74
CA ARG A 897 -26.35 -23.58 42.57
C ARG A 897 -26.13 -24.71 41.56
N GLU A 898 -26.20 -25.99 41.97
CA GLU A 898 -26.16 -27.09 41.01
C GLU A 898 -27.39 -27.10 40.09
N GLY A 899 -28.60 -27.00 40.65
CA GLY A 899 -29.83 -26.89 39.86
C GLY A 899 -29.83 -25.65 38.97
N LYS A 900 -29.34 -24.51 39.46
CA LYS A 900 -29.18 -23.30 38.64
C LYS A 900 -28.25 -23.50 37.43
N VAL A 901 -27.14 -24.22 37.57
CA VAL A 901 -26.26 -24.57 36.45
C VAL A 901 -26.91 -25.57 35.48
N ILE A 902 -27.59 -26.60 35.97
CA ILE A 902 -28.30 -27.56 35.11
C ILE A 902 -29.40 -26.86 34.30
N PHE A 903 -30.16 -25.96 34.91
CA PHE A 903 -31.14 -25.12 34.22
C PHE A 903 -30.47 -24.25 33.15
N SER A 904 -29.39 -23.53 33.49
CA SER A 904 -28.65 -22.69 32.54
C SER A 904 -28.17 -23.47 31.31
N LEU A 905 -27.49 -24.59 31.51
CA LEU A 905 -26.99 -25.43 30.42
C LEU A 905 -28.10 -26.02 29.57
N SER A 906 -29.14 -26.60 30.15
CA SER A 906 -30.20 -27.13 29.32
C SER A 906 -30.97 -26.05 28.56
N ARG A 907 -31.30 -24.93 29.21
CA ARG A 907 -32.12 -23.87 28.58
C ARG A 907 -31.43 -23.03 27.52
N MET A 908 -30.11 -22.87 27.58
CA MET A 908 -29.36 -22.08 26.60
C MET A 908 -28.37 -22.88 25.76
N GLY A 909 -28.04 -24.12 26.12
CA GLY A 909 -26.96 -24.87 25.50
C GLY A 909 -27.10 -25.00 23.99
N SER A 910 -28.31 -25.31 23.52
CA SER A 910 -28.56 -25.56 22.10
C SER A 910 -28.47 -24.31 21.25
N ALA A 911 -29.08 -23.19 21.66
CA ALA A 911 -28.99 -21.93 20.95
C ALA A 911 -27.56 -21.38 20.92
N ILE A 912 -26.81 -21.49 22.01
CA ILE A 912 -25.39 -21.06 22.09
C ILE A 912 -24.53 -21.90 21.15
N ALA A 913 -24.72 -23.21 21.15
CA ALA A 913 -24.03 -24.12 20.25
C ALA A 913 -24.30 -23.76 18.77
N MET A 914 -25.53 -23.38 18.44
CA MET A 914 -25.91 -23.00 17.07
C MET A 914 -25.36 -21.64 16.66
N ALA A 915 -25.38 -20.65 17.54
CA ALA A 915 -24.73 -19.36 17.29
C ALA A 915 -23.23 -19.51 17.05
N ALA A 916 -22.56 -20.34 17.82
CA ALA A 916 -21.16 -20.64 17.66
C ALA A 916 -20.85 -21.41 16.38
N LEU A 917 -21.57 -22.50 16.12
CA LEU A 917 -21.42 -23.31 14.90
C LEU A 917 -21.60 -22.49 13.62
N THR A 918 -22.62 -21.64 13.53
CA THR A 918 -22.81 -20.78 12.36
C THR A 918 -21.66 -19.82 12.15
N THR A 919 -21.07 -19.29 13.20
CA THR A 919 -19.92 -18.40 13.09
C THR A 919 -18.64 -19.14 12.74
N PHE A 920 -18.41 -20.32 13.29
CA PHE A 920 -17.28 -21.16 12.93
C PHE A 920 -17.33 -21.61 11.46
N VAL A 921 -18.48 -22.09 11.00
CA VAL A 921 -18.76 -22.49 9.62
C VAL A 921 -18.49 -21.36 8.63
N ALA A 922 -18.96 -20.15 8.90
CA ALA A 922 -18.68 -19.00 8.06
C ALA A 922 -17.18 -18.69 7.97
N GLY A 923 -16.42 -18.86 9.06
CA GLY A 923 -14.97 -18.71 9.03
C GLY A 923 -14.27 -19.79 8.23
N ALA A 924 -14.64 -21.06 8.42
CA ALA A 924 -14.06 -22.20 7.71
C ALA A 924 -14.21 -22.10 6.19
N MET A 925 -15.33 -21.56 5.71
CA MET A 925 -15.53 -21.34 4.28
C MET A 925 -14.58 -20.34 3.63
N MET A 926 -13.90 -19.49 4.40
CA MET A 926 -12.96 -18.52 3.82
C MET A 926 -11.57 -19.08 3.57
N MET A 927 -11.25 -20.29 4.07
CA MET A 927 -9.94 -20.91 3.91
C MET A 927 -9.46 -21.14 2.45
N PRO A 928 -10.30 -21.54 1.48
CA PRO A 928 -9.86 -21.66 0.08
C PRO A 928 -9.59 -20.32 -0.62
N SER A 929 -9.90 -19.17 -0.02
CA SER A 929 -9.71 -17.85 -0.63
C SER A 929 -8.24 -17.53 -0.94
N THR A 930 -8.00 -16.76 -1.99
CA THR A 930 -6.77 -16.22 -2.46
C THR A 930 -6.38 -14.99 -1.68
N VAL A 931 -7.36 -14.15 -1.37
CA VAL A 931 -7.23 -12.86 -0.68
C VAL A 931 -6.90 -13.03 0.80
N LEU A 932 -5.86 -12.37 1.28
CA LEU A 932 -5.37 -12.55 2.65
C LEU A 932 -6.37 -12.09 3.72
N ALA A 933 -7.05 -10.96 3.55
CA ALA A 933 -8.01 -10.48 4.53
C ALA A 933 -9.17 -11.46 4.77
N TYR A 934 -9.59 -12.19 3.73
CA TYR A 934 -10.65 -13.18 3.84
C TYR A 934 -10.19 -14.40 4.63
N THR A 935 -9.01 -14.95 4.35
CA THR A 935 -8.51 -16.09 5.11
C THR A 935 -8.19 -15.71 6.54
N GLN A 936 -7.61 -14.54 6.81
CA GLN A 936 -7.31 -14.13 8.19
C GLN A 936 -8.56 -13.95 9.04
N LEU A 937 -9.60 -13.29 8.52
CA LEU A 937 -10.85 -13.16 9.23
C LEU A 937 -11.53 -14.50 9.44
N GLY A 938 -11.47 -15.42 8.48
CA GLY A 938 -11.98 -16.77 8.66
C GLY A 938 -11.27 -17.56 9.76
N THR A 939 -9.94 -17.44 9.85
CA THR A 939 -9.13 -18.03 10.93
C THR A 939 -9.54 -17.48 12.29
N PHE A 940 -9.68 -16.17 12.40
CA PHE A 940 -10.17 -15.52 13.61
C PHE A 940 -11.57 -16.00 14.03
N MET A 941 -12.54 -16.07 13.11
CA MET A 941 -13.91 -16.51 13.40
C MET A 941 -13.99 -17.94 13.90
N MET A 942 -13.20 -18.86 13.36
CA MET A 942 -13.12 -20.23 13.87
C MET A 942 -12.55 -20.27 15.28
N LEU A 943 -11.38 -19.68 15.46
CA LEU A 943 -10.62 -19.71 16.71
C LEU A 943 -11.37 -19.03 17.87
N VAL A 944 -11.90 -17.84 17.67
CA VAL A 944 -12.64 -17.14 18.74
C VAL A 944 -13.93 -17.87 19.13
N MET A 945 -14.58 -18.59 18.22
CA MET A 945 -15.77 -19.39 18.57
C MET A 945 -15.44 -20.63 19.38
N CYS A 946 -14.37 -21.34 19.04
CA CYS A 946 -13.89 -22.45 19.84
C CYS A 946 -13.53 -22.04 21.25
N VAL A 947 -12.70 -21.01 21.38
CA VAL A 947 -12.24 -20.55 22.69
C VAL A 947 -13.42 -19.99 23.50
N SER A 948 -14.24 -19.13 22.92
CA SER A 948 -15.41 -18.52 23.59
C SER A 948 -16.43 -19.56 24.03
N TRP A 949 -16.75 -20.55 23.19
CA TRP A 949 -17.72 -21.60 23.55
C TRP A 949 -17.23 -22.49 24.68
N ALA A 950 -15.97 -22.89 24.68
CA ALA A 950 -15.39 -23.68 25.75
C ALA A 950 -15.26 -22.92 27.07
N PHE A 951 -14.78 -21.68 27.06
CA PHE A 951 -14.69 -20.86 28.27
C PHE A 951 -16.05 -20.48 28.86
N ALA A 952 -17.11 -20.37 28.07
CA ALA A 952 -18.45 -20.15 28.59
C ALA A 952 -19.09 -21.45 29.09
N THR A 953 -19.03 -22.52 28.31
CA THR A 953 -19.75 -23.78 28.62
C THR A 953 -19.10 -24.58 29.72
N PHE A 954 -17.77 -24.67 29.76
CA PHE A 954 -17.07 -25.39 30.82
C PHE A 954 -16.63 -24.44 31.92
N PHE A 955 -15.77 -23.46 31.66
CA PHE A 955 -15.13 -22.71 32.74
C PHE A 955 -16.10 -21.82 33.55
N PHE A 956 -16.89 -20.96 32.90
CA PHE A 956 -17.86 -20.10 33.59
C PHE A 956 -18.92 -20.92 34.34
N GLN A 957 -19.42 -22.01 33.77
CA GLN A 957 -20.40 -22.88 34.43
C GLN A 957 -19.78 -23.66 35.59
N CYS A 958 -18.49 -24.01 35.55
CA CYS A 958 -17.79 -24.61 36.68
C CYS A 958 -17.57 -23.63 37.83
N LEU A 959 -17.28 -22.36 37.55
CA LEU A 959 -17.23 -21.32 38.58
C LEU A 959 -18.58 -21.16 39.26
N CYS A 960 -19.67 -21.14 38.48
CA CYS A 960 -21.03 -21.11 39.02
C CYS A 960 -21.38 -22.36 39.82
N ARG A 961 -21.00 -23.54 39.36
CA ARG A 961 -21.27 -24.78 40.10
C ARG A 961 -20.52 -24.82 41.45
N CYS A 962 -19.28 -24.36 41.48
CA CYS A 962 -18.50 -24.39 42.72
C CYS A 962 -18.94 -23.32 43.70
N LEU A 963 -18.99 -22.05 43.28
CA LEU A 963 -19.21 -20.89 44.16
C LEU A 963 -20.11 -19.82 43.53
N GLY A 964 -21.05 -20.19 42.67
CA GLY A 964 -22.09 -19.29 42.17
C GLY A 964 -22.99 -18.80 43.31
N PRO A 965 -23.53 -17.57 43.26
CA PRO A 965 -24.36 -17.04 44.33
C PRO A 965 -25.67 -17.81 44.51
N GLN A 966 -26.28 -17.63 45.69
CA GLN A 966 -27.48 -18.34 46.07
C GLN A 966 -28.28 -17.27 46.82
N GLY A 967 -29.60 -17.32 46.79
CA GLY A 967 -30.44 -16.27 47.36
C GLY A 967 -30.07 -14.87 46.83
N THR A 968 -30.03 -13.89 47.72
CA THR A 968 -29.70 -12.48 47.42
C THR A 968 -28.20 -12.15 47.42
N CYS A 969 -27.31 -13.13 47.58
CA CYS A 969 -25.87 -12.89 47.68
C CYS A 969 -25.28 -12.18 46.45
N GLY A 970 -24.55 -11.08 46.66
CA GLY A 970 -23.95 -10.27 45.60
C GLY A 970 -24.95 -9.48 44.74
N GLN A 971 -26.24 -9.49 45.05
CA GLN A 971 -27.26 -8.81 44.25
C GLN A 971 -27.11 -7.28 44.36
N ILE A 972 -27.22 -6.60 43.23
CA ILE A 972 -27.05 -5.14 43.12
C ILE A 972 -28.44 -4.48 43.24
N PRO A 973 -28.64 -3.50 44.13
CA PRO A 973 -29.94 -2.82 44.29
C PRO A 973 -30.23 -1.87 43.12
N PHE A 974 -31.51 -1.73 42.73
CA PHE A 974 -31.96 -0.74 41.72
C PHE A 974 -31.93 0.69 42.24
N LYS B 14 35.98 11.32 -37.99
CA LYS B 14 35.68 9.88 -38.05
C LYS B 14 34.19 9.56 -37.91
N LEU B 15 33.41 10.46 -37.31
CA LEU B 15 31.96 10.36 -37.19
C LEU B 15 31.27 10.57 -38.55
N THR B 16 30.18 9.84 -38.81
CA THR B 16 29.49 9.87 -40.11
C THR B 16 28.16 10.63 -40.04
N PRO B 17 27.94 11.65 -40.90
CA PRO B 17 26.65 12.34 -41.05
C PRO B 17 25.50 11.40 -41.43
N LEU B 18 24.28 11.74 -41.03
CA LEU B 18 23.07 10.97 -41.40
C LEU B 18 22.62 11.25 -42.84
N ALA B 19 21.92 10.30 -43.45
CA ALA B 19 21.21 10.47 -44.71
C ALA B 19 19.88 11.23 -44.56
N TYR B 20 19.36 11.79 -45.66
CA TYR B 20 18.26 12.78 -45.69
C TYR B 20 16.98 12.42 -44.93
N LYS B 21 16.61 11.13 -44.79
CA LYS B 21 15.44 10.67 -44.01
C LYS B 21 15.79 9.65 -42.93
N GLN B 22 17.06 9.54 -42.55
CA GLN B 22 17.52 8.55 -41.58
C GLN B 22 17.13 8.92 -40.13
N PHE B 23 16.84 7.89 -39.33
CA PHE B 23 16.72 7.98 -37.87
C PHE B 23 17.51 6.84 -37.22
N ILE B 24 18.29 7.14 -36.16
CA ILE B 24 19.42 6.28 -35.74
C ILE B 24 19.01 5.02 -34.97
N PRO B 25 18.15 5.08 -33.93
CA PRO B 25 17.38 3.91 -33.55
C PRO B 25 16.40 3.68 -34.70
N ASN B 26 16.68 2.72 -35.57
CA ASN B 26 16.00 2.55 -36.86
C ASN B 26 14.63 1.87 -36.70
N VAL B 27 13.79 2.48 -35.86
CA VAL B 27 12.49 2.00 -35.39
C VAL B 27 11.63 3.22 -35.02
N ALA B 28 10.31 3.08 -34.97
CA ALA B 28 9.40 4.20 -34.70
C ALA B 28 9.67 4.88 -33.34
N GLU B 29 9.53 6.21 -33.28
CA GLU B 29 9.92 7.05 -32.13
C GLU B 29 9.33 6.60 -30.80
N LYS B 30 8.06 6.15 -30.81
CA LYS B 30 7.32 5.71 -29.63
C LYS B 30 7.66 4.30 -29.12
N THR B 31 8.63 3.62 -29.73
CA THR B 31 9.08 2.28 -29.31
C THR B 31 9.91 2.35 -28.02
N LEU B 32 9.89 1.32 -27.17
CA LEU B 32 10.58 1.32 -25.87
C LEU B 32 12.11 1.52 -25.98
N GLY B 33 12.74 1.04 -27.06
CA GLY B 33 14.17 1.27 -27.34
C GLY B 33 14.52 2.64 -27.94
N ALA B 34 13.52 3.45 -28.28
CA ALA B 34 13.63 4.83 -28.73
C ALA B 34 13.16 5.76 -27.60
N SER B 35 12.29 6.74 -27.88
CA SER B 35 11.75 7.70 -26.91
C SER B 35 10.54 7.19 -26.12
N GLY B 36 10.06 5.98 -26.36
CA GLY B 36 8.99 5.34 -25.59
C GLY B 36 7.60 5.97 -25.75
N ARG B 37 6.64 5.44 -24.99
CA ARG B 37 5.27 5.87 -25.15
C ARG B 37 4.89 7.32 -24.90
N TYR B 38 4.13 7.89 -25.82
CA TYR B 38 3.57 9.24 -25.61
C TYR B 38 2.56 9.22 -24.45
N GLU B 39 2.66 10.13 -23.48
CA GLU B 39 1.77 10.12 -22.31
C GLU B 39 0.50 10.94 -22.53
N GLY B 40 0.61 12.16 -23.06
CA GLY B 40 -0.53 13.01 -23.40
C GLY B 40 -0.18 14.51 -23.48
N LYS B 41 -0.96 15.28 -24.23
CA LYS B 41 -0.76 16.72 -24.45
C LYS B 41 -0.67 17.50 -23.12
N ILE B 42 0.33 18.38 -22.99
CA ILE B 42 0.49 19.31 -21.87
C ILE B 42 0.07 20.71 -22.35
N THR B 43 -0.79 21.35 -21.57
CA THR B 43 -1.33 22.71 -21.76
C THR B 43 -1.08 23.54 -20.51
N ARG B 44 -1.07 24.87 -20.60
CA ARG B 44 -0.66 25.77 -19.49
C ARG B 44 -1.49 25.65 -18.21
N ASN B 45 -2.73 25.18 -18.33
CA ASN B 45 -3.66 24.86 -17.24
C ASN B 45 -3.51 23.43 -16.67
N SER B 46 -2.71 22.55 -17.27
CA SER B 46 -2.48 21.17 -16.82
C SER B 46 -1.50 21.11 -15.64
N GLU B 47 -1.67 20.17 -14.71
CA GLU B 47 -0.70 19.99 -13.62
C GLU B 47 0.67 19.49 -14.10
N ARG B 48 0.77 18.77 -15.23
CA ARG B 48 2.05 18.37 -15.82
C ARG B 48 2.86 19.55 -16.37
N PHE B 49 2.26 20.72 -16.58
CA PHE B 49 2.98 21.93 -17.00
C PHE B 49 4.05 22.37 -16.00
N LYS B 50 3.85 22.11 -14.70
CA LYS B 50 4.83 22.35 -13.62
C LYS B 50 6.19 21.68 -13.88
N GLU B 51 6.17 20.57 -14.60
CA GLU B 51 7.31 19.70 -14.87
C GLU B 51 8.11 20.10 -16.13
N LEU B 52 7.61 21.03 -16.93
CA LEU B 52 8.41 21.69 -17.97
C LEU B 52 9.36 22.70 -17.33
N THR B 53 10.52 22.88 -17.94
CA THR B 53 11.59 23.77 -17.47
C THR B 53 12.00 24.69 -18.60
N PRO B 54 12.09 26.02 -18.41
CA PRO B 54 12.60 26.92 -19.43
C PRO B 54 14.13 26.88 -19.50
N ASN B 55 14.69 26.55 -20.66
CA ASN B 55 16.14 26.61 -20.88
C ASN B 55 16.62 28.06 -21.14
N TYR B 56 17.65 28.50 -20.42
CA TYR B 56 18.30 29.82 -20.54
C TYR B 56 19.81 29.74 -20.84
N ASN B 57 20.30 28.61 -21.37
CA ASN B 57 21.70 28.42 -21.75
C ASN B 57 22.14 29.44 -22.82
N PRO B 58 23.17 30.28 -22.58
CA PRO B 58 23.65 31.26 -23.57
C PRO B 58 24.36 30.64 -24.79
N ASP B 59 24.68 29.34 -24.77
CA ASP B 59 25.23 28.59 -25.92
C ASP B 59 24.19 28.22 -26.98
N ILE B 60 22.90 28.55 -26.77
CA ILE B 60 21.78 28.16 -27.63
C ILE B 60 21.03 29.40 -28.13
N ILE B 61 20.59 29.40 -29.39
CA ILE B 61 19.72 30.43 -29.98
C ILE B 61 18.30 29.85 -30.14
N PHE B 62 17.26 30.55 -29.69
CA PHE B 62 15.87 30.13 -29.88
C PHE B 62 15.15 31.01 -30.92
N LYS B 63 14.46 30.38 -31.87
CA LYS B 63 13.55 31.00 -32.86
C LYS B 63 12.09 30.67 -32.52
N ASP B 64 11.62 31.27 -31.44
CA ASP B 64 10.24 31.16 -31.01
C ASP B 64 9.35 32.09 -31.84
N GLU B 65 8.88 31.60 -32.98
CA GLU B 65 7.96 32.37 -33.85
C GLU B 65 6.65 32.75 -33.12
N GLU B 66 6.34 32.04 -32.04
CA GLU B 66 5.21 32.27 -31.17
C GLU B 66 5.35 33.57 -30.36
N ASN B 67 6.58 34.00 -30.08
CA ASN B 67 6.94 35.04 -29.11
C ASN B 67 6.34 34.80 -27.70
N THR B 68 6.00 33.55 -27.35
CA THR B 68 5.53 33.15 -26.01
C THR B 68 6.65 32.53 -25.17
N GLY B 69 7.82 32.27 -25.76
CA GLY B 69 8.92 31.55 -25.12
C GLY B 69 8.70 30.04 -25.03
N ALA B 70 7.65 29.49 -25.63
CA ALA B 70 7.32 28.08 -25.60
C ALA B 70 8.48 27.17 -26.05
N ASP B 71 9.31 27.58 -27.00
CA ASP B 71 10.48 26.82 -27.43
C ASP B 71 11.52 26.58 -26.35
N ARG B 72 11.59 27.41 -25.30
CA ARG B 72 12.52 27.15 -24.19
C ARG B 72 11.97 26.05 -23.27
N LEU B 73 10.67 25.84 -23.27
CA LEU B 73 10.05 24.88 -22.36
C LEU B 73 10.28 23.45 -22.84
N MET B 74 10.86 22.64 -21.98
CA MET B 74 11.19 21.24 -22.24
C MET B 74 11.35 20.47 -20.93
N THR B 75 11.28 19.14 -20.94
CA THR B 75 11.49 18.34 -19.74
C THR B 75 12.97 18.30 -19.34
N GLN B 76 13.29 17.90 -18.12
CA GLN B 76 14.67 17.92 -17.60
C GLN B 76 15.65 17.11 -18.45
N ARG B 77 15.29 15.91 -18.90
CA ARG B 77 16.13 15.07 -19.77
C ARG B 77 16.39 15.73 -21.11
N CYS B 78 15.40 16.41 -21.67
CA CYS B 78 15.58 17.17 -22.90
C CYS B 78 16.54 18.35 -22.67
N LYS B 79 16.43 19.05 -21.54
CA LYS B 79 17.34 20.15 -21.17
C LYS B 79 18.78 19.68 -20.99
N ASP B 80 18.98 18.56 -20.30
CA ASP B 80 20.29 17.92 -20.14
C ASP B 80 20.96 17.58 -21.48
N LYS B 81 20.22 16.89 -22.37
CA LYS B 81 20.74 16.47 -23.67
C LYS B 81 21.00 17.65 -24.61
N LEU B 82 20.11 18.65 -24.61
CA LEU B 82 20.29 19.85 -25.45
C LEU B 82 21.50 20.68 -25.02
N ASN B 83 21.79 20.78 -23.72
CA ASN B 83 22.98 21.47 -23.24
C ASN B 83 24.28 20.73 -23.59
N ALA B 84 24.30 19.40 -23.54
CA ALA B 84 25.42 18.62 -24.07
C ALA B 84 25.59 18.80 -25.59
N LEU B 85 24.51 18.90 -26.35
CA LEU B 85 24.58 19.18 -27.79
C LEU B 85 25.11 20.59 -28.08
N ALA B 86 24.73 21.60 -27.29
CA ALA B 86 25.22 22.97 -27.46
C ALA B 86 26.75 23.03 -27.35
N ILE B 87 27.30 22.40 -26.31
CA ILE B 87 28.75 22.25 -26.12
C ILE B 87 29.36 21.51 -27.32
N SER B 88 28.73 20.43 -27.78
CA SER B 88 29.23 19.62 -28.90
C SER B 88 29.27 20.39 -30.23
N VAL B 89 28.25 21.19 -30.55
CA VAL B 89 28.21 22.01 -31.78
C VAL B 89 29.30 23.09 -31.75
N MET B 90 29.43 23.83 -30.64
CA MET B 90 30.47 24.85 -30.50
C MET B 90 31.88 24.26 -30.52
N ASN B 91 32.07 23.06 -29.98
CA ASN B 91 33.34 22.34 -30.06
C ASN B 91 33.63 21.82 -31.49
N GLN B 92 32.62 21.36 -32.24
CA GLN B 92 32.81 20.89 -33.61
C GLN B 92 33.14 22.04 -34.58
N TRP B 93 32.46 23.19 -34.48
CA TRP B 93 32.68 24.34 -35.35
C TRP B 93 32.79 25.65 -34.53
N PRO B 94 34.00 26.18 -34.30
CA PRO B 94 34.19 27.44 -33.58
C PRO B 94 33.41 28.60 -34.22
N GLY B 95 32.66 29.33 -33.42
CA GLY B 95 31.78 30.42 -33.87
C GLY B 95 30.37 30.00 -34.33
N VAL B 96 30.04 28.71 -34.35
CA VAL B 96 28.70 28.19 -34.66
C VAL B 96 28.01 27.77 -33.35
N LYS B 97 26.77 28.22 -33.13
CA LYS B 97 25.93 27.77 -32.00
C LYS B 97 24.85 26.79 -32.45
N LEU B 98 24.30 26.07 -31.48
CA LEU B 98 23.06 25.30 -31.65
C LEU B 98 21.86 26.25 -31.74
N ARG B 99 20.92 25.93 -32.64
CA ARG B 99 19.71 26.69 -32.77
C ARG B 99 18.47 25.82 -32.58
N VAL B 100 17.43 26.32 -31.93
CA VAL B 100 16.13 25.66 -31.75
C VAL B 100 15.07 26.48 -32.47
N THR B 101 14.18 25.84 -33.24
CA THR B 101 13.03 26.53 -33.84
C THR B 101 11.69 26.05 -33.28
N GLU B 102 11.69 24.85 -32.67
CA GLU B 102 10.61 24.39 -31.81
C GLU B 102 11.15 23.69 -30.58
N GLY B 103 10.62 24.05 -29.42
CA GLY B 103 10.69 23.24 -28.21
C GLY B 103 9.37 22.52 -27.98
N TRP B 104 8.80 22.64 -26.78
CA TRP B 104 7.37 22.38 -26.58
C TRP B 104 6.55 23.29 -27.49
N ASP B 105 5.49 22.76 -28.12
CA ASP B 105 4.67 23.51 -29.06
C ASP B 105 3.23 23.65 -28.54
N GLU B 106 2.78 24.89 -28.36
CA GLU B 106 1.38 25.21 -28.07
C GLU B 106 0.60 25.66 -29.33
N ASP B 107 1.25 25.76 -30.49
CA ASP B 107 0.58 26.09 -31.76
C ASP B 107 -0.29 24.94 -32.30
N GLY B 108 0.03 23.70 -31.94
CA GLY B 108 -0.56 22.51 -32.56
C GLY B 108 -0.10 22.29 -34.01
N HIS B 109 1.06 22.82 -34.41
CA HIS B 109 1.46 22.89 -35.82
C HIS B 109 2.15 21.62 -36.37
N HIS B 110 2.29 20.58 -35.54
CA HIS B 110 3.09 19.38 -35.85
C HIS B 110 2.29 18.19 -36.42
N SER B 111 1.32 17.69 -35.66
CA SER B 111 0.64 16.40 -35.86
C SER B 111 -0.61 16.31 -34.98
N GLU B 112 -1.46 15.30 -35.16
CA GLU B 112 -2.51 14.95 -34.18
C GLU B 112 -1.95 14.30 -32.90
N GLU B 113 -0.76 13.70 -32.96
CA GLU B 113 0.00 13.16 -31.82
C GLU B 113 1.48 13.49 -31.99
N SER B 114 2.14 14.07 -30.97
CA SER B 114 3.54 14.48 -31.05
C SER B 114 4.22 14.61 -29.68
N LEU B 115 5.52 14.29 -29.60
CA LEU B 115 6.32 14.53 -28.39
C LEU B 115 6.61 16.03 -28.15
N HIS B 116 6.45 16.90 -29.14
CA HIS B 116 6.46 18.36 -28.92
C HIS B 116 5.34 18.81 -27.98
N TYR B 117 4.19 18.14 -27.96
CA TYR B 117 3.06 18.55 -27.11
C TYR B 117 3.24 18.21 -25.63
N GLU B 118 4.25 17.41 -25.28
CA GLU B 118 4.62 17.16 -23.88
C GLU B 118 6.08 17.53 -23.58
N GLY B 119 6.70 18.39 -24.39
CA GLY B 119 8.02 18.97 -24.13
C GLY B 119 9.18 17.99 -24.20
N ARG B 120 8.98 16.80 -24.81
CA ARG B 120 10.04 15.78 -24.93
C ARG B 120 10.66 15.76 -26.32
N ALA B 121 10.42 16.76 -27.17
CA ALA B 121 11.01 16.87 -28.49
C ALA B 121 11.37 18.31 -28.86
N VAL B 122 12.34 18.45 -29.76
CA VAL B 122 12.93 19.72 -30.17
C VAL B 122 13.27 19.66 -31.67
N ASP B 123 12.96 20.72 -32.43
CA ASP B 123 13.37 20.85 -33.84
C ASP B 123 14.52 21.86 -33.92
N ILE B 124 15.63 21.49 -34.56
CA ILE B 124 16.93 22.20 -34.45
C ILE B 124 17.64 22.45 -35.78
N THR B 125 18.51 23.45 -35.79
CA THR B 125 19.41 23.87 -36.87
C THR B 125 20.76 24.32 -36.30
N THR B 126 21.74 24.59 -37.16
CA THR B 126 22.87 25.47 -36.78
C THR B 126 22.39 26.91 -36.64
N SER B 127 23.15 27.73 -35.90
CA SER B 127 22.98 29.19 -35.84
C SER B 127 22.96 29.84 -37.22
N ASP B 128 23.79 29.33 -38.13
CA ASP B 128 24.07 29.93 -39.44
C ASP B 128 23.09 29.45 -40.53
N ARG B 129 22.21 28.49 -40.22
CA ARG B 129 21.24 27.94 -41.20
C ARG B 129 21.92 27.33 -42.44
N ASP B 130 23.14 26.83 -42.28
CA ASP B 130 23.89 26.17 -43.36
C ASP B 130 23.51 24.68 -43.46
N ARG B 131 22.53 24.37 -44.31
CA ARG B 131 21.89 23.04 -44.43
C ARG B 131 22.88 21.89 -44.67
N SER B 132 24.02 22.15 -45.29
CA SER B 132 25.11 21.18 -45.48
C SER B 132 25.68 20.62 -44.18
N LYS B 133 25.61 21.33 -43.04
CA LYS B 133 25.99 20.81 -41.72
C LYS B 133 24.92 19.93 -41.06
N TYR B 134 23.65 20.02 -41.47
CA TYR B 134 22.55 19.33 -40.74
C TYR B 134 22.70 17.82 -40.56
N GLY B 135 23.21 17.10 -41.54
CA GLY B 135 23.50 15.67 -41.39
C GLY B 135 24.55 15.39 -40.31
N MET B 136 25.54 16.27 -40.16
CA MET B 136 26.52 16.20 -39.07
C MET B 136 25.94 16.69 -37.73
N LEU B 137 25.02 17.67 -37.73
CA LEU B 137 24.29 18.08 -36.52
C LEU B 137 23.46 16.92 -35.96
N ALA B 138 22.78 16.15 -36.81
CA ALA B 138 22.04 14.97 -36.40
C ALA B 138 22.96 13.88 -35.80
N ARG B 139 24.14 13.69 -36.38
CA ARG B 139 25.20 12.85 -35.79
C ARG B 139 25.61 13.38 -34.40
N LEU B 140 25.88 14.68 -34.26
CA LEU B 140 26.20 15.25 -32.95
C LEU B 140 25.07 15.09 -31.93
N ALA B 141 23.79 15.09 -32.34
CA ALA B 141 22.68 14.86 -31.49
C ALA B 141 22.69 13.49 -30.83
N VAL B 142 22.95 12.46 -31.64
CA VAL B 142 23.02 11.09 -31.11
C VAL B 142 24.26 10.86 -30.27
N GLU B 143 25.37 11.58 -30.51
CA GLU B 143 26.51 11.57 -29.58
C GLU B 143 26.22 12.30 -28.27
N ALA B 144 25.50 13.42 -28.30
CA ALA B 144 25.04 14.16 -27.12
C ALA B 144 24.02 13.39 -26.27
N GLY B 145 23.36 12.38 -26.85
CA GLY B 145 22.60 11.36 -26.12
C GLY B 145 21.08 11.45 -26.23
N PHE B 146 20.53 12.12 -27.25
CA PHE B 146 19.09 12.09 -27.50
C PHE B 146 18.60 10.66 -27.79
N ASP B 147 17.40 10.32 -27.33
CA ASP B 147 16.88 8.94 -27.36
C ASP B 147 16.28 8.55 -28.71
N TRP B 148 15.82 9.52 -29.49
CA TRP B 148 15.55 9.37 -30.92
C TRP B 148 15.97 10.65 -31.65
N VAL B 149 16.56 10.50 -32.83
CA VAL B 149 16.99 11.61 -33.69
C VAL B 149 16.62 11.27 -35.13
N TYR B 150 16.04 12.21 -35.84
CA TYR B 150 15.50 12.06 -37.18
C TYR B 150 15.88 13.24 -38.04
N TYR B 151 16.46 12.98 -39.22
CA TYR B 151 16.62 14.00 -40.26
C TYR B 151 15.24 14.20 -40.91
N GLU B 152 14.38 14.99 -40.27
CA GLU B 152 12.96 15.03 -40.62
C GLU B 152 12.68 15.80 -41.92
N SER B 153 13.45 16.84 -42.22
CA SER B 153 13.30 17.72 -43.38
C SER B 153 14.58 18.51 -43.64
N LYS B 154 14.72 19.13 -44.83
CA LYS B 154 15.88 20.00 -45.12
C LYS B 154 15.97 21.22 -44.18
N ALA B 155 14.85 21.68 -43.63
CA ALA B 155 14.79 22.83 -42.74
C ALA B 155 15.30 22.56 -41.30
N HIS B 156 15.18 21.33 -40.77
CA HIS B 156 15.59 21.01 -39.40
C HIS B 156 15.84 19.52 -39.16
N ILE B 157 16.65 19.22 -38.15
CA ILE B 157 16.69 17.90 -37.49
C ILE B 157 15.63 17.88 -36.37
N HIS B 158 14.98 16.74 -36.14
CA HIS B 158 14.05 16.54 -35.02
C HIS B 158 14.69 15.58 -34.01
N CYS B 159 14.75 15.96 -32.74
CA CYS B 159 15.32 15.14 -31.66
C CYS B 159 14.29 14.96 -30.54
N SER B 160 14.29 13.83 -29.85
CA SER B 160 13.39 13.59 -28.71
C SER B 160 13.99 12.68 -27.64
N VAL B 161 13.34 12.64 -26.48
CA VAL B 161 13.81 11.94 -25.26
C VAL B 161 12.73 11.06 -24.63
N LYS B 162 13.17 10.06 -23.85
CA LYS B 162 12.36 9.25 -22.94
C LYS B 162 11.72 10.12 -21.84
N ALA B 163 10.57 9.69 -21.31
CA ALA B 163 9.97 10.30 -20.14
C ALA B 163 10.80 10.00 -18.87
N GLU B 164 10.96 10.98 -17.98
CA GLU B 164 11.67 10.84 -16.71
C GLU B 164 10.92 9.94 -15.73
#